data_6KI0
#
_entry.id   6KI0
#
_cell.length_a   175.760
_cell.length_b   56.020
_cell.length_c   146.930
_cell.angle_alpha   90.000
_cell.angle_beta   106.580
_cell.angle_gamma   90.000
#
_symmetry.space_group_name_H-M   'C 1 2 1'
#
loop_
_entity.id
_entity.type
_entity.pdbx_description
1 polymer 'Maltose/maltodextrin-binding periplasmic protein,Apoptosis-associated speck-like protein containing a CARD'
2 branched alpha-D-glucopyranose-(1-4)-alpha-D-glucopyranose-(1-4)-alpha-D-glucopyranose
3 non-polymer 'SULFATE ION'
4 water water
#
_entity_poly.entity_id   1
_entity_poly.type   'polypeptide(L)'
_entity_poly.pdbx_seq_one_letter_code
;MKIEEGKLVIWINGDKGYNGLAEVGKKFEKDTGIKVTVEHPDKLEEKFPQVAATGDGPDIIFWAHDRFGGYAQSGLLAEI
TPAAAFQDKLYPFTWDAVRYNGKLIAYPIAVEALSLIYNKDLLPNPPKTWEEIPALDKELKAKGKSALMFNLQEPYFTWP
LIAADGGYAFKYAAGKYDIKDVGVDNAGAKAGLTFLVDLIKNKHMNADTDYSIAEAAFNKGETAMTINGPWAWSNIDTSA
VNYGVTVLPTFKGQPSKPFVGVLSAGINAASPNKELAKEFLENYLLTDEGLEAVNKDKPLGAVALKSYEEELAKDPRIAA
TMENAQKGEIMPNIPQMSAFWYAVRTAVINAASGRQTVDAALAAAQTNAVDLHFIDQHRAALIARVTNVEWLLDALYGKV
LTDEQYQAVRAEPTNPSKMRKLFSFTPAWNWTCKDLLLQALRESQSYLVEDLERSAAALEHHHHHH
;
_entity_poly.pdbx_strand_id   A,B
#
loop_
_chem_comp.id
_chem_comp.type
_chem_comp.name
_chem_comp.formula
GLC D-saccharide, alpha linking alpha-D-glucopyranose 'C6 H12 O6'
SO4 non-polymer 'SULFATE ION' 'O4 S -2'
#
# COMPACT_ATOMS: atom_id res chain seq x y z
N LYS A 2 6.07 38.56 21.85
CA LYS A 2 4.65 38.67 21.53
C LYS A 2 3.83 38.16 22.71
N ILE A 3 4.53 37.57 23.68
CA ILE A 3 3.96 37.25 24.98
C ILE A 3 3.79 38.56 25.75
N GLU A 4 2.61 39.16 25.69
CA GLU A 4 2.37 40.42 26.37
C GLU A 4 2.47 40.25 27.88
N GLU A 5 3.13 41.20 28.53
CA GLU A 5 3.27 41.17 29.97
C GLU A 5 1.94 41.50 30.63
N GLY A 6 1.77 41.03 31.86
CA GLY A 6 0.54 41.29 32.59
C GLY A 6 -0.63 40.42 32.17
N LYS A 7 -0.37 39.21 31.70
CA LYS A 7 -1.41 38.22 31.47
C LYS A 7 -0.72 36.86 31.47
N LEU A 8 -1.52 35.81 31.48
CA LEU A 8 -1.02 34.45 31.53
C LEU A 8 -1.66 33.64 30.42
N VAL A 9 -0.84 33.06 29.55
CA VAL A 9 -1.31 32.12 28.55
C VAL A 9 -0.77 30.75 28.91
N ILE A 10 -1.64 29.75 28.88
CA ILE A 10 -1.30 28.39 29.27
C ILE A 10 -1.64 27.45 28.13
N TRP A 11 -0.74 26.51 27.85
CA TRP A 11 -0.98 25.42 26.92
C TRP A 11 -1.09 24.12 27.70
N ILE A 12 -2.19 23.40 27.52
CA ILE A 12 -2.37 22.07 28.08
C ILE A 12 -3.02 21.20 27.02
N ASN A 13 -2.77 19.89 27.10
CA ASN A 13 -3.25 18.99 26.05
C ASN A 13 -4.77 18.89 26.08
N GLY A 14 -5.35 18.59 24.92
CA GLY A 14 -6.79 18.59 24.77
C GLY A 14 -7.50 17.47 25.50
N ASP A 15 -6.80 16.39 25.84
CA ASP A 15 -7.42 15.31 26.60
C ASP A 15 -7.42 15.54 28.10
N LYS A 16 -6.85 16.65 28.57
CA LYS A 16 -6.81 16.96 29.99
C LYS A 16 -7.95 17.90 30.34
N GLY A 17 -8.06 18.22 31.63
CA GLY A 17 -9.15 19.07 32.07
C GLY A 17 -8.84 20.54 31.90
N TYR A 18 -8.90 21.03 30.66
CA TYR A 18 -8.57 22.42 30.41
C TYR A 18 -9.69 23.37 30.83
N ASN A 19 -10.94 22.90 30.90
CA ASN A 19 -12.00 23.73 31.44
C ASN A 19 -11.91 23.83 32.96
N GLY A 20 -11.45 22.76 33.61
CA GLY A 20 -11.21 22.85 35.05
C GLY A 20 -10.07 23.80 35.36
N LEU A 21 -8.99 23.72 34.57
CA LEU A 21 -7.87 24.66 34.72
C LEU A 21 -8.34 26.10 34.49
N ALA A 22 -9.25 26.31 33.54
CA ALA A 22 -9.76 27.64 33.28
C ALA A 22 -10.49 28.21 34.49
N GLU A 23 -11.20 27.35 35.24
CA GLU A 23 -11.84 27.79 36.47
C GLU A 23 -10.81 28.26 37.49
N VAL A 24 -9.67 27.57 37.56
CA VAL A 24 -8.60 28.03 38.46
C VAL A 24 -8.10 29.38 38.00
N GLY A 25 -8.17 29.66 36.69
CA GLY A 25 -7.66 30.91 36.20
C GLY A 25 -8.65 32.05 36.31
N LYS A 26 -9.94 31.76 36.24
CA LYS A 26 -10.94 32.79 36.46
C LYS A 26 -11.02 33.21 37.91
N LYS A 27 -10.51 32.38 38.84
CA LYS A 27 -10.40 32.81 40.23
C LYS A 27 -9.10 33.55 40.46
N PHE A 28 -8.09 33.24 39.69
CA PHE A 28 -6.85 33.92 39.81
C PHE A 28 -7.10 35.35 39.33
N GLU A 29 -7.96 35.48 38.32
CA GLU A 29 -8.30 36.79 37.79
C GLU A 29 -9.23 37.51 38.76
N LYS A 30 -10.00 36.73 39.52
CA LYS A 30 -10.92 37.27 40.49
C LYS A 30 -10.23 37.81 41.75
N ASP A 31 -8.94 37.54 41.91
CA ASP A 31 -8.22 37.88 43.13
C ASP A 31 -7.11 38.89 42.91
N THR A 32 -6.35 38.72 41.83
CA THR A 32 -5.21 39.54 41.49
C THR A 32 -5.43 40.48 40.32
N GLY A 33 -6.51 40.33 39.55
CA GLY A 33 -6.79 41.21 38.45
C GLY A 33 -6.14 40.78 37.15
N ILE A 34 -5.44 39.67 37.19
CA ILE A 34 -4.69 39.11 36.08
C ILE A 34 -5.48 38.14 35.21
N LYS A 35 -5.55 38.38 33.92
CA LYS A 35 -6.29 37.50 33.04
C LYS A 35 -5.40 36.32 32.65
N VAL A 36 -5.97 35.12 32.65
CA VAL A 36 -5.25 33.94 32.20
C VAL A 36 -6.09 33.26 31.11
N THR A 37 -5.44 32.90 30.02
CA THR A 37 -6.10 32.24 28.91
C THR A 37 -5.56 30.82 28.80
N VAL A 38 -6.47 29.84 28.79
CA VAL A 38 -6.10 28.44 28.66
C VAL A 38 -6.34 28.01 27.22
N GLU A 39 -5.35 27.40 26.62
CA GLU A 39 -5.37 27.00 25.22
C GLU A 39 -4.90 25.56 25.13
N HIS A 40 -5.44 24.84 24.15
CA HIS A 40 -5.11 23.43 23.93
C HIS A 40 -4.91 23.20 22.43
N PRO A 41 -3.83 23.74 21.88
CA PRO A 41 -3.55 23.55 20.46
C PRO A 41 -3.21 22.10 20.14
N ASP A 42 -3.36 21.75 18.87
CA ASP A 42 -2.91 20.45 18.41
C ASP A 42 -1.38 20.43 18.36
N LYS A 43 -0.81 19.33 18.83
CA LYS A 43 0.65 19.15 18.80
C LYS A 43 1.37 20.29 19.51
N LEU A 44 0.79 20.76 20.62
CA LEU A 44 1.42 21.85 21.37
C LEU A 44 2.85 21.49 21.76
N GLU A 45 3.10 20.22 22.08
CA GLU A 45 4.41 19.80 22.55
C GLU A 45 5.45 19.81 21.45
N GLU A 46 5.02 19.72 20.18
CA GLU A 46 5.92 19.85 19.04
C GLU A 46 6.13 21.29 18.65
N LYS A 47 5.13 22.14 18.87
CA LYS A 47 5.21 23.54 18.46
C LYS A 47 5.96 24.40 19.46
N PHE A 48 5.90 24.06 20.76
CA PHE A 48 6.54 24.88 21.79
C PHE A 48 7.99 25.20 21.50
N PRO A 49 8.86 24.27 21.10
CA PRO A 49 10.22 24.66 20.74
C PRO A 49 10.29 25.64 19.58
N GLN A 50 9.28 25.66 18.70
CA GLN A 50 9.34 26.60 17.58
C GLN A 50 8.85 27.99 17.96
N VAL A 51 7.83 28.08 18.82
CA VAL A 51 7.27 29.39 19.13
C VAL A 51 7.92 30.04 20.36
N ALA A 52 8.47 29.24 21.28
CA ALA A 52 9.12 29.84 22.45
C ALA A 52 10.37 30.61 22.05
N ALA A 53 11.18 30.06 21.14
CA ALA A 53 12.40 30.72 20.70
C ALA A 53 12.12 32.03 19.97
N THR A 54 10.90 32.24 19.48
CA THR A 54 10.53 33.50 18.84
C THR A 54 9.81 34.45 19.78
N GLY A 55 9.87 34.20 21.09
CA GLY A 55 9.17 35.08 22.02
C GLY A 55 7.67 34.98 21.96
N ASP A 56 7.14 33.87 21.46
CA ASP A 56 5.71 33.61 21.44
C ASP A 56 5.46 32.37 22.29
N GLY A 57 4.41 31.62 21.99
CA GLY A 57 4.03 30.53 22.85
C GLY A 57 3.50 30.98 24.18
N PRO A 58 3.23 30.02 25.05
CA PRO A 58 2.55 30.31 26.32
C PRO A 58 3.54 30.77 27.38
N ASP A 59 3.00 31.23 28.49
CA ASP A 59 3.82 31.43 29.68
C ASP A 59 4.06 30.10 30.38
N ILE A 60 3.05 29.24 30.41
CA ILE A 60 3.11 27.94 31.06
C ILE A 60 2.69 26.88 30.07
N ILE A 61 3.49 25.80 29.97
CA ILE A 61 3.18 24.67 29.12
C ILE A 61 2.99 23.45 30.00
N PHE A 62 1.90 22.72 29.78
CA PHE A 62 1.60 21.49 30.50
C PHE A 62 1.87 20.30 29.58
N TRP A 63 2.68 19.35 30.07
CA TRP A 63 2.88 18.10 29.37
C TRP A 63 3.45 17.10 30.37
N ALA A 64 3.53 15.84 29.94
CA ALA A 64 4.22 14.84 30.74
C ALA A 64 5.70 15.16 30.76
N HIS A 65 6.37 14.75 31.85
CA HIS A 65 7.73 15.19 32.12
C HIS A 65 8.75 14.74 31.08
N ASP A 66 8.41 13.78 30.22
CA ASP A 66 9.43 13.22 29.32
C ASP A 66 9.89 14.23 28.27
N ARG A 67 9.10 15.22 27.97
CA ARG A 67 9.49 16.20 27.00
C ARG A 67 10.29 17.34 27.58
N PHE A 68 10.41 17.40 28.89
CA PHE A 68 10.91 18.62 29.51
C PHE A 68 12.44 18.71 29.54
N GLY A 69 13.14 17.58 29.57
CA GLY A 69 14.59 17.64 29.50
C GLY A 69 15.08 18.21 28.18
N GLY A 70 14.38 17.90 27.09
CA GLY A 70 14.72 18.50 25.81
C GLY A 70 14.47 19.99 25.77
N TYR A 71 13.33 20.43 26.32
CA TYR A 71 13.08 21.87 26.46
C TYR A 71 14.15 22.54 27.31
N ALA A 72 14.55 21.89 28.40
CA ALA A 72 15.54 22.47 29.29
C ALA A 72 16.91 22.53 28.62
N GLN A 73 17.29 21.44 27.95
CA GLN A 73 18.55 21.45 27.18
C GLN A 73 18.55 22.53 26.11
N SER A 74 17.38 22.88 25.58
CA SER A 74 17.28 23.91 24.55
C SER A 74 17.09 25.31 25.14
N GLY A 75 17.26 25.47 26.45
CA GLY A 75 17.16 26.79 27.05
C GLY A 75 15.77 27.40 27.02
N LEU A 76 14.73 26.59 26.92
CA LEU A 76 13.38 27.08 26.74
C LEU A 76 12.58 27.15 28.03
N LEU A 77 13.11 26.63 29.13
CA LEU A 77 12.39 26.58 30.40
C LEU A 77 13.13 27.40 31.45
N ALA A 78 12.36 28.16 32.24
CA ALA A 78 12.91 28.86 33.38
C ALA A 78 13.13 27.89 34.53
N GLU A 79 14.28 28.02 35.20
CA GLU A 79 14.45 27.26 36.43
C GLU A 79 13.41 27.74 37.45
N ILE A 80 12.76 26.79 38.10
CA ILE A 80 11.74 27.11 39.09
C ILE A 80 12.39 27.05 40.46
N THR A 81 12.04 27.99 41.33
CA THR A 81 12.66 28.15 42.64
C THR A 81 11.60 28.12 43.73
N PRO A 82 11.02 26.95 43.99
CA PRO A 82 10.10 26.86 45.12
C PRO A 82 10.88 26.87 46.42
N ALA A 83 10.26 27.40 47.47
CA ALA A 83 10.89 27.33 48.77
C ALA A 83 11.01 25.87 49.22
N ALA A 84 11.83 25.64 50.23
CA ALA A 84 11.90 24.31 50.81
C ALA A 84 10.59 23.92 51.45
N ALA A 85 9.81 24.91 51.92
CA ALA A 85 8.52 24.61 52.53
C ALA A 85 7.49 24.18 51.48
N PHE A 86 7.53 24.78 50.29
CA PHE A 86 6.62 24.35 49.24
C PHE A 86 7.03 22.98 48.69
N GLN A 87 8.33 22.73 48.59
CA GLN A 87 8.80 21.43 48.11
C GLN A 87 8.32 20.29 49.00
N ASP A 88 8.10 20.56 50.28
CA ASP A 88 7.65 19.50 51.19
C ASP A 88 6.20 19.10 50.95
N LYS A 89 5.40 19.99 50.36
CA LYS A 89 4.00 19.68 50.06
C LYS A 89 3.84 18.68 48.92
N LEU A 90 4.89 18.35 48.18
CA LEU A 90 4.79 17.41 47.08
C LEU A 90 5.73 16.23 47.33
N TYR A 91 5.38 15.09 46.76
CA TYR A 91 6.16 13.89 47.01
C TYR A 91 7.53 14.02 46.36
N PRO A 92 8.59 13.49 47.00
CA PRO A 92 9.94 13.65 46.44
C PRO A 92 10.14 13.00 45.08
N PHE A 93 9.48 11.87 44.81
CA PHE A 93 9.71 11.20 43.53
C PHE A 93 9.15 12.00 42.36
N THR A 94 8.13 12.83 42.61
CA THR A 94 7.63 13.69 41.54
C THR A 94 8.60 14.84 41.25
N TRP A 95 9.24 15.39 42.30
CA TRP A 95 10.27 16.39 42.06
C TRP A 95 11.44 15.81 41.27
N ASP A 96 11.74 14.52 41.47
CA ASP A 96 12.82 13.90 40.71
C ASP A 96 12.49 13.83 39.23
N ALA A 97 11.21 13.68 38.89
CA ALA A 97 10.83 13.56 37.48
C ALA A 97 11.02 14.86 36.73
N VAL A 98 10.93 16.00 37.42
CA VAL A 98 11.11 17.29 36.78
C VAL A 98 12.49 17.89 37.08
N ARG A 99 13.46 17.05 37.34
CA ARG A 99 14.80 17.50 37.62
C ARG A 99 15.68 17.15 36.44
N TYR A 100 16.32 18.14 35.86
CA TYR A 100 17.20 17.98 34.76
C TYR A 100 18.46 18.67 35.12
N ASN A 101 19.58 17.97 35.04
CA ASN A 101 20.90 18.45 35.42
C ASN A 101 20.84 19.05 36.81
N GLY A 102 20.29 18.34 37.76
CA GLY A 102 20.23 18.87 39.10
C GLY A 102 19.31 20.02 39.39
N LYS A 103 18.75 20.64 38.39
CA LYS A 103 17.87 21.79 38.59
C LYS A 103 16.42 21.38 38.35
N LEU A 104 15.51 21.98 39.09
CA LEU A 104 14.09 21.79 38.86
C LEU A 104 13.63 22.66 37.70
N ILE A 105 13.03 22.05 36.68
CA ILE A 105 12.66 22.74 35.46
C ILE A 105 11.16 22.85 35.28
N ALA A 106 10.38 22.33 36.22
CA ALA A 106 8.93 22.37 36.12
C ALA A 106 8.34 22.01 37.47
N TYR A 107 7.03 22.26 37.60
CA TYR A 107 6.29 21.86 38.78
C TYR A 107 5.58 20.54 38.50
N PRO A 108 5.80 19.50 39.29
CA PRO A 108 5.03 18.26 39.10
C PRO A 108 3.58 18.47 39.48
N ILE A 109 2.69 17.83 38.74
CA ILE A 109 1.26 18.00 39.00
C ILE A 109 0.65 16.67 39.43
N ALA A 110 0.70 15.66 38.57
CA ALA A 110 0.04 14.40 38.83
C ALA A 110 0.77 13.25 38.15
N VAL A 111 0.67 12.06 38.74
CA VAL A 111 1.32 10.86 38.23
C VAL A 111 0.30 10.06 37.41
N GLU A 112 0.69 9.70 36.20
CA GLU A 112 -0.19 9.01 35.26
C GLU A 112 0.37 7.65 34.90
N ALA A 113 -0.51 6.64 34.84
CA ALA A 113 -0.15 5.33 34.32
C ALA A 113 -1.37 4.73 33.64
N LEU A 114 -1.12 3.99 32.55
CA LEU A 114 -2.19 3.29 31.88
C LEU A 114 -2.70 2.14 32.73
N SER A 115 -4.01 1.92 32.69
CA SER A 115 -4.63 0.77 33.34
C SER A 115 -5.52 0.05 32.35
N LEU A 116 -5.96 -1.15 32.74
CA LEU A 116 -6.94 -1.89 31.98
C LEU A 116 -8.31 -1.45 32.46
N ILE A 117 -9.16 -1.04 31.51
CA ILE A 117 -10.50 -0.55 31.80
C ILE A 117 -11.47 -1.50 31.15
N TYR A 118 -12.41 -2.05 31.93
CA TYR A 118 -13.28 -3.09 31.42
C TYR A 118 -14.73 -2.83 31.78
N ASN A 119 -15.61 -3.38 30.95
CA ASN A 119 -17.06 -3.24 31.08
C ASN A 119 -17.54 -4.41 31.94
N LYS A 120 -18.04 -4.10 33.14
CA LYS A 120 -18.35 -5.15 34.11
C LYS A 120 -19.57 -5.96 33.71
N ASP A 121 -20.42 -5.39 32.87
CA ASP A 121 -21.61 -6.06 32.36
C ASP A 121 -21.25 -7.09 31.29
N LEU A 122 -20.37 -6.72 30.36
CA LEU A 122 -19.86 -7.68 29.39
C LEU A 122 -18.85 -8.65 29.98
N LEU A 123 -18.04 -8.20 30.94
CA LEU A 123 -16.87 -8.94 31.41
C LEU A 123 -16.77 -8.80 32.93
N PRO A 124 -17.48 -9.66 33.68
CA PRO A 124 -17.40 -9.56 35.15
C PRO A 124 -16.02 -9.86 35.69
N ASN A 125 -15.26 -10.71 35.02
CA ASN A 125 -13.92 -11.11 35.48
C ASN A 125 -12.93 -10.84 34.37
N PRO A 126 -12.19 -9.74 34.43
CA PRO A 126 -11.29 -9.37 33.35
C PRO A 126 -10.13 -10.36 33.25
N PRO A 127 -9.56 -10.54 32.06
CA PRO A 127 -8.46 -11.49 31.93
C PRO A 127 -7.23 -11.04 32.72
N LYS A 128 -6.56 -12.01 33.32
CA LYS A 128 -5.33 -11.74 34.05
C LYS A 128 -4.10 -11.74 33.15
N THR A 129 -4.18 -12.39 31.98
CA THR A 129 -3.05 -12.50 31.07
C THR A 129 -3.45 -11.99 29.69
N TRP A 130 -2.45 -11.50 28.94
CA TRP A 130 -2.67 -11.17 27.53
C TRP A 130 -3.04 -12.41 26.73
N GLU A 131 -2.40 -13.54 27.04
CA GLU A 131 -2.63 -14.77 26.28
C GLU A 131 -4.07 -15.24 26.33
N GLU A 132 -4.88 -14.77 27.29
CA GLU A 132 -6.29 -15.14 27.36
C GLU A 132 -7.18 -14.36 26.40
N ILE A 133 -6.72 -13.21 25.91
CA ILE A 133 -7.60 -12.30 25.18
C ILE A 133 -8.15 -12.89 23.89
N PRO A 134 -7.37 -13.61 23.06
CA PRO A 134 -7.98 -14.18 21.84
C PRO A 134 -9.19 -15.07 22.09
N ALA A 135 -9.14 -15.95 23.10
CA ALA A 135 -10.30 -16.77 23.41
C ALA A 135 -11.48 -15.92 23.87
N LEU A 136 -11.21 -14.89 24.69
CA LEU A 136 -12.27 -13.97 25.10
C LEU A 136 -12.94 -13.34 23.89
N ASP A 137 -12.13 -12.82 22.95
CA ASP A 137 -12.68 -12.15 21.78
C ASP A 137 -13.53 -13.10 20.95
N LYS A 138 -13.08 -14.35 20.78
CA LYS A 138 -13.88 -15.33 20.05
C LYS A 138 -15.24 -15.53 20.72
N GLU A 139 -15.27 -15.49 22.05
CA GLU A 139 -16.52 -15.65 22.77
C GLU A 139 -17.41 -14.42 22.61
N LEU A 140 -16.82 -13.22 22.62
CA LEU A 140 -17.64 -12.01 22.54
C LEU A 140 -17.97 -11.63 21.10
N LYS A 141 -17.24 -12.16 20.11
CA LYS A 141 -17.66 -11.97 18.72
C LYS A 141 -18.95 -12.70 18.42
N ALA A 142 -19.20 -13.83 19.09
CA ALA A 142 -20.47 -14.53 18.92
C ALA A 142 -21.64 -13.70 19.41
N LYS A 143 -21.41 -12.82 20.39
CA LYS A 143 -22.44 -11.93 20.89
C LYS A 143 -22.44 -10.56 20.20
N GLY A 144 -21.63 -10.39 19.16
CA GLY A 144 -21.59 -9.11 18.46
C GLY A 144 -20.73 -8.05 19.11
N LYS A 145 -19.75 -8.45 19.94
CA LYS A 145 -18.88 -7.52 20.65
C LYS A 145 -17.43 -7.93 20.38
N SER A 146 -16.49 -7.21 20.97
CA SER A 146 -15.08 -7.56 20.88
C SER A 146 -14.45 -7.46 22.27
N ALA A 147 -13.28 -8.10 22.41
CA ALA A 147 -12.63 -8.14 23.71
C ALA A 147 -11.94 -6.84 24.07
N LEU A 148 -11.16 -6.27 23.14
CA LEU A 148 -10.23 -5.21 23.49
C LEU A 148 -10.02 -4.28 22.31
N MET A 149 -10.03 -2.97 22.60
CA MET A 149 -9.70 -1.95 21.62
C MET A 149 -8.92 -0.85 22.32
N PHE A 150 -7.78 -0.45 21.76
CA PHE A 150 -7.04 0.69 22.29
C PHE A 150 -6.22 1.31 21.17
N ASN A 151 -5.67 2.49 21.46
CA ASN A 151 -4.98 3.31 20.46
C ASN A 151 -3.68 2.63 20.03
N LEU A 152 -3.63 2.20 18.77
CA LEU A 152 -2.41 1.64 18.19
C LEU A 152 -1.59 2.67 17.41
N GLN A 153 -2.05 3.93 17.33
CA GLN A 153 -1.34 4.96 16.60
C GLN A 153 -0.32 5.71 17.45
N GLU A 154 -0.42 5.65 18.77
CA GLU A 154 0.56 6.27 19.65
C GLU A 154 1.32 5.18 20.41
N PRO A 155 2.65 5.12 20.32
CA PRO A 155 3.38 4.00 20.93
C PRO A 155 3.24 3.91 22.44
N TYR A 156 2.84 5.01 23.10
CA TYR A 156 2.61 5.02 24.54
C TYR A 156 1.69 3.88 24.98
N PHE A 157 0.69 3.55 24.15
CA PHE A 157 -0.33 2.58 24.55
C PHE A 157 0.09 1.13 24.35
N THR A 158 1.05 0.88 23.45
CA THR A 158 1.54 -0.46 23.20
C THR A 158 2.82 -0.75 23.97
N TRP A 159 3.52 0.29 24.43
CA TRP A 159 4.73 0.12 25.23
C TRP A 159 4.59 -0.82 26.43
N PRO A 160 3.51 -0.81 27.22
CA PRO A 160 3.46 -1.73 28.37
C PRO A 160 3.64 -3.19 27.96
N LEU A 161 3.09 -3.57 26.80
CA LEU A 161 3.25 -4.93 26.31
C LEU A 161 4.65 -5.17 25.77
N ILE A 162 5.24 -4.15 25.13
CA ILE A 162 6.59 -4.30 24.58
C ILE A 162 7.60 -4.44 25.70
N ALA A 163 7.41 -3.72 26.79
CA ALA A 163 8.37 -3.76 27.90
C ALA A 163 8.20 -4.98 28.80
N ALA A 164 7.02 -5.61 28.77
CA ALA A 164 6.72 -6.71 29.70
C ALA A 164 7.82 -7.77 29.72
N ASP A 165 8.15 -8.33 28.56
CA ASP A 165 9.11 -9.41 28.48
C ASP A 165 10.56 -8.94 28.35
N GLY A 166 10.81 -7.63 28.39
CA GLY A 166 12.19 -7.18 28.41
C GLY A 166 12.57 -5.96 27.58
N GLY A 167 11.64 -5.43 26.78
CA GLY A 167 11.92 -4.19 26.08
C GLY A 167 12.14 -3.04 27.04
N TYR A 168 13.02 -2.12 26.65
CA TYR A 168 13.23 -0.91 27.43
C TYR A 168 13.68 0.21 26.50
N ALA A 169 13.65 1.42 26.97
CA ALA A 169 14.09 2.50 26.17
C ALA A 169 15.58 2.71 26.28
N PHE A 170 16.02 3.24 27.40
CA PHE A 170 17.42 3.58 27.55
C PHE A 170 17.76 2.97 28.91
N LYS A 171 18.89 2.32 29.01
CA LYS A 171 19.29 1.70 30.24
C LYS A 171 19.87 2.68 31.22
N TYR A 172 19.40 2.60 32.45
CA TYR A 172 19.93 3.43 33.52
C TYR A 172 21.13 2.72 34.13
N ALA A 173 22.31 3.32 33.98
CA ALA A 173 23.54 2.71 34.46
C ALA A 173 24.42 3.76 35.10
N ALA A 174 24.84 3.49 36.35
CA ALA A 174 25.77 4.35 37.08
C ALA A 174 25.29 5.80 37.15
N GLY A 175 24.00 5.95 37.45
CA GLY A 175 23.40 7.24 37.74
C GLY A 175 22.90 8.04 36.55
N LYS A 176 22.93 7.48 35.34
CA LYS A 176 22.47 8.24 34.18
C LYS A 176 21.99 7.29 33.10
N TYR A 177 21.09 7.79 32.27
CA TYR A 177 20.63 7.01 31.12
C TYR A 177 21.73 6.89 30.07
N ASP A 178 22.00 5.67 29.64
CA ASP A 178 22.99 5.38 28.61
C ASP A 178 22.28 5.38 27.27
N ILE A 179 22.54 6.39 26.44
CA ILE A 179 21.85 6.49 25.16
C ILE A 179 22.43 5.57 24.11
N LYS A 180 23.58 4.96 24.37
CA LYS A 180 24.15 3.94 23.50
C LYS A 180 23.65 2.53 23.83
N ASP A 181 22.80 2.39 24.85
CA ASP A 181 22.25 1.11 25.28
C ASP A 181 20.72 1.22 25.17
N VAL A 182 20.20 0.92 23.98
CA VAL A 182 18.78 1.02 23.69
C VAL A 182 18.21 -0.39 23.65
N GLY A 183 17.00 -0.55 24.15
CA GLY A 183 16.43 -1.88 24.29
C GLY A 183 15.15 -2.13 23.53
N VAL A 184 14.98 -1.54 22.34
CA VAL A 184 13.71 -1.68 21.61
C VAL A 184 13.72 -2.81 20.60
N ASP A 185 14.89 -3.39 20.29
CA ASP A 185 14.93 -4.53 19.39
C ASP A 185 15.52 -5.79 20.04
N ASN A 186 15.41 -5.91 21.36
CA ASN A 186 15.82 -7.15 21.98
C ASN A 186 14.68 -8.18 21.93
N ALA A 187 14.98 -9.39 22.40
CA ALA A 187 14.05 -10.50 22.27
C ALA A 187 12.73 -10.21 22.99
N GLY A 188 12.79 -9.55 24.15
CA GLY A 188 11.58 -9.25 24.88
C GLY A 188 10.70 -8.25 24.16
N ALA A 189 11.30 -7.20 23.58
CA ALA A 189 10.53 -6.26 22.76
C ALA A 189 9.90 -6.96 21.57
N LYS A 190 10.68 -7.79 20.88
CA LYS A 190 10.13 -8.51 19.73
C LYS A 190 8.97 -9.43 20.12
N ALA A 191 9.09 -10.11 21.26
CA ALA A 191 8.03 -11.02 21.69
C ALA A 191 6.74 -10.25 21.95
N GLY A 192 6.84 -9.11 22.63
CA GLY A 192 5.64 -8.32 22.90
C GLY A 192 4.97 -7.79 21.64
N LEU A 193 5.76 -7.19 20.74
CA LEU A 193 5.19 -6.68 19.50
C LEU A 193 4.68 -7.82 18.62
N THR A 194 5.33 -8.98 18.65
CA THR A 194 4.85 -10.11 17.86
C THR A 194 3.47 -10.56 18.33
N PHE A 195 3.24 -10.54 19.65
CA PHE A 195 1.91 -10.89 20.16
C PHE A 195 0.87 -9.91 19.66
N LEU A 196 1.21 -8.62 19.64
CA LEU A 196 0.27 -7.62 19.14
C LEU A 196 -0.07 -7.87 17.67
N VAL A 197 0.95 -8.18 16.86
CA VAL A 197 0.73 -8.46 15.44
C VAL A 197 -0.15 -9.69 15.27
N ASP A 198 0.07 -10.71 16.11
CA ASP A 198 -0.75 -11.91 16.03
C ASP A 198 -2.21 -11.63 16.36
N LEU A 199 -2.48 -10.73 17.31
CA LEU A 199 -3.85 -10.30 17.57
C LEU A 199 -4.50 -9.70 16.32
N ILE A 200 -3.75 -8.88 15.59
CA ILE A 200 -4.31 -8.27 14.38
C ILE A 200 -4.50 -9.33 13.30
N LYS A 201 -3.52 -10.22 13.14
CA LYS A 201 -3.61 -11.27 12.13
C LYS A 201 -4.84 -12.15 12.36
N ASN A 202 -5.18 -12.40 13.61
CA ASN A 202 -6.31 -13.27 13.96
C ASN A 202 -7.60 -12.48 14.16
N LYS A 203 -7.63 -11.21 13.74
CA LYS A 203 -8.85 -10.39 13.74
C LYS A 203 -9.37 -10.10 15.13
N HIS A 204 -8.51 -10.12 16.14
CA HIS A 204 -8.91 -9.68 17.47
C HIS A 204 -8.67 -8.18 17.67
N MET A 205 -8.06 -7.52 16.71
CA MET A 205 -7.78 -6.09 16.74
C MET A 205 -7.57 -5.61 15.31
N ASN A 206 -7.78 -4.31 15.11
CA ASN A 206 -7.62 -3.67 13.81
C ASN A 206 -6.43 -2.72 13.87
N ALA A 207 -5.55 -2.80 12.88
CA ALA A 207 -4.39 -1.92 12.85
C ALA A 207 -4.76 -0.44 12.78
N ASP A 208 -5.97 -0.12 12.35
CA ASP A 208 -6.40 1.25 12.15
C ASP A 208 -6.93 1.93 13.41
N THR A 209 -7.10 1.18 14.51
CA THR A 209 -7.69 1.74 15.71
C THR A 209 -6.84 2.88 16.27
N ASP A 210 -7.48 4.02 16.52
CA ASP A 210 -6.84 5.18 17.13
C ASP A 210 -7.55 5.51 18.44
N TYR A 211 -7.22 6.67 19.02
CA TYR A 211 -7.76 7.02 20.32
C TYR A 211 -9.28 7.16 20.29
N SER A 212 -9.79 7.95 19.34
CA SER A 212 -11.23 8.24 19.34
C SER A 212 -12.05 7.02 18.95
N ILE A 213 -11.53 6.19 18.02
CA ILE A 213 -12.24 4.96 17.66
C ILE A 213 -12.34 4.04 18.86
N ALA A 214 -11.23 3.86 19.60
CA ALA A 214 -11.25 2.97 20.75
C ALA A 214 -12.08 3.53 21.89
N GLU A 215 -12.03 4.85 22.09
CA GLU A 215 -12.84 5.47 23.14
C GLU A 215 -14.32 5.36 22.81
N ALA A 216 -14.69 5.65 21.56
CA ALA A 216 -16.08 5.52 21.13
C ALA A 216 -16.57 4.09 21.25
N ALA A 217 -15.70 3.13 20.92
CA ALA A 217 -16.11 1.73 20.97
C ALA A 217 -16.37 1.28 22.40
N PHE A 218 -15.50 1.66 23.34
CA PHE A 218 -15.70 1.24 24.72
C PHE A 218 -16.86 1.98 25.37
N ASN A 219 -16.99 3.27 25.08
CA ASN A 219 -18.02 4.07 25.72
C ASN A 219 -19.40 3.79 25.14
N LYS A 220 -19.48 3.25 23.93
CA LYS A 220 -20.76 2.79 23.39
C LYS A 220 -21.05 1.33 23.69
N GLY A 221 -20.23 0.67 24.52
CA GLY A 221 -20.45 -0.72 24.87
C GLY A 221 -20.22 -1.72 23.77
N GLU A 222 -19.43 -1.38 22.75
CA GLU A 222 -19.14 -2.32 21.68
C GLU A 222 -17.97 -3.24 21.99
N THR A 223 -17.07 -2.84 22.88
CA THR A 223 -15.90 -3.65 23.24
C THR A 223 -15.80 -3.75 24.76
N ALA A 224 -15.29 -4.88 25.23
CA ALA A 224 -15.30 -5.18 26.66
C ALA A 224 -14.19 -4.50 27.43
N MET A 225 -13.08 -4.15 26.78
CA MET A 225 -11.95 -3.56 27.48
C MET A 225 -11.30 -2.50 26.60
N THR A 226 -10.59 -1.60 27.26
CA THR A 226 -9.69 -0.66 26.62
C THR A 226 -8.51 -0.44 27.54
N ILE A 227 -7.48 0.21 27.02
CA ILE A 227 -6.31 0.60 27.79
C ILE A 227 -6.19 2.12 27.72
N ASN A 228 -6.22 2.77 28.88
CA ASN A 228 -6.24 4.23 28.89
C ASN A 228 -5.85 4.73 30.27
N GLY A 229 -5.71 6.05 30.37
CA GLY A 229 -5.28 6.69 31.59
C GLY A 229 -6.41 7.40 32.31
N PRO A 230 -6.09 8.00 33.46
CA PRO A 230 -7.13 8.64 34.28
C PRO A 230 -7.93 9.71 33.56
N TRP A 231 -7.31 10.46 32.64
CA TRP A 231 -8.02 11.50 31.93
C TRP A 231 -9.26 10.99 31.21
N ALA A 232 -9.31 9.69 30.90
CA ALA A 232 -10.41 9.13 30.13
C ALA A 232 -11.61 8.77 30.98
N TRP A 233 -11.45 8.64 32.31
CA TRP A 233 -12.54 8.20 33.16
C TRP A 233 -13.74 9.10 33.08
N SER A 234 -13.51 10.41 32.89
CA SER A 234 -14.61 11.37 32.87
C SER A 234 -15.63 11.01 31.81
N ASN A 235 -15.17 10.76 30.58
CA ASN A 235 -16.09 10.40 29.51
C ASN A 235 -16.74 9.05 29.71
N ILE A 236 -16.14 8.15 30.49
CA ILE A 236 -16.81 6.88 30.77
C ILE A 236 -17.88 7.04 31.84
N ASP A 237 -17.68 7.96 32.80
CA ASP A 237 -18.72 8.24 33.77
C ASP A 237 -19.98 8.76 33.09
N THR A 238 -19.80 9.62 32.07
CA THR A 238 -20.94 10.12 31.31
C THR A 238 -21.61 9.03 30.47
N SER A 239 -20.87 8.00 30.09
CA SER A 239 -21.50 6.92 29.34
C SER A 239 -22.30 6.02 30.29
N ALA A 240 -23.02 5.07 29.70
CA ALA A 240 -23.84 4.13 30.45
C ALA A 240 -23.07 2.85 30.77
N VAL A 241 -21.74 2.89 30.69
CA VAL A 241 -20.91 1.72 30.93
C VAL A 241 -20.61 1.61 32.40
N ASN A 242 -20.88 0.45 32.98
CA ASN A 242 -20.47 0.14 34.36
C ASN A 242 -19.06 -0.41 34.25
N TYR A 243 -18.07 0.41 34.59
CA TYR A 243 -16.69 0.10 34.29
C TYR A 243 -15.86 -0.08 35.55
N GLY A 244 -14.84 -0.94 35.43
CA GLY A 244 -13.82 -1.10 36.44
C GLY A 244 -12.46 -0.73 35.89
N VAL A 245 -11.53 -0.43 36.79
CA VAL A 245 -10.17 -0.06 36.43
C VAL A 245 -9.25 -0.97 37.21
N THR A 246 -8.41 -1.74 36.50
CA THR A 246 -7.63 -2.77 37.16
C THR A 246 -6.21 -2.84 36.59
N VAL A 247 -5.47 -3.81 37.12
CA VAL A 247 -4.10 -4.08 36.68
C VAL A 247 -4.10 -4.57 35.24
N LEU A 248 -3.08 -4.14 34.48
CA LEU A 248 -2.93 -4.61 33.11
C LEU A 248 -2.62 -6.10 33.09
N PRO A 249 -2.99 -6.80 32.02
CA PRO A 249 -2.69 -8.23 31.93
C PRO A 249 -1.19 -8.47 31.91
N THR A 250 -0.81 -9.65 32.38
CA THR A 250 0.58 -10.07 32.28
C THR A 250 0.85 -10.62 30.90
N PHE A 251 2.14 -10.70 30.56
CA PHE A 251 2.57 -11.26 29.29
C PHE A 251 3.76 -12.15 29.57
N LYS A 252 3.67 -13.39 29.08
CA LYS A 252 4.61 -14.45 29.44
C LYS A 252 4.87 -14.47 30.94
N GLY A 253 3.80 -14.33 31.71
CA GLY A 253 3.83 -14.41 33.17
C GLY A 253 4.45 -13.24 33.89
N GLN A 254 4.71 -12.14 33.20
CA GLN A 254 5.38 -10.95 33.72
C GLN A 254 4.45 -9.75 33.56
N PRO A 255 4.49 -8.80 34.49
CA PRO A 255 3.57 -7.66 34.40
C PRO A 255 3.87 -6.81 33.18
N SER A 256 2.80 -6.26 32.59
CA SER A 256 2.96 -5.16 31.67
C SER A 256 3.60 -3.99 32.40
N LYS A 257 4.52 -3.30 31.73
CA LYS A 257 5.34 -2.25 32.35
C LYS A 257 5.06 -0.93 31.65
N PRO A 258 3.99 -0.25 32.01
CA PRO A 258 3.78 1.02 31.34
C PRO A 258 4.75 2.09 31.77
N PHE A 259 5.04 2.99 30.88
CA PHE A 259 5.89 4.10 31.18
C PHE A 259 5.03 5.03 32.00
N VAL A 260 5.54 5.51 33.08
CA VAL A 260 4.85 6.39 34.00
C VAL A 260 5.19 7.82 33.64
N GLY A 261 4.17 8.65 33.51
CA GLY A 261 4.34 10.06 33.20
C GLY A 261 3.92 10.89 34.38
N VAL A 262 4.64 11.99 34.60
CA VAL A 262 4.28 12.98 35.60
C VAL A 262 3.86 14.23 34.85
N LEU A 263 2.56 14.52 34.85
CA LEU A 263 2.08 15.75 34.25
C LEU A 263 2.74 16.92 34.96
N SER A 264 3.28 17.86 34.18
CA SER A 264 4.14 18.89 34.73
C SER A 264 3.88 20.20 34.04
N ALA A 265 4.15 21.29 34.75
CA ALA A 265 3.94 22.65 34.27
C ALA A 265 5.28 23.37 34.23
N GLY A 266 5.73 23.69 33.03
CA GLY A 266 6.96 24.42 32.84
C GLY A 266 6.69 25.87 32.48
N ILE A 267 7.64 26.74 32.80
CA ILE A 267 7.50 28.16 32.57
C ILE A 267 8.43 28.56 31.44
N ASN A 268 7.86 29.20 30.42
CA ASN A 268 8.62 29.61 29.26
C ASN A 268 9.81 30.48 29.68
N ALA A 269 11.01 30.11 29.24
CA ALA A 269 12.18 30.90 29.58
C ALA A 269 12.06 32.34 29.07
N ALA A 270 11.32 32.54 27.98
CA ALA A 270 11.11 33.86 27.38
C ALA A 270 9.87 34.56 27.91
N SER A 271 9.27 34.10 29.00
CA SER A 271 8.06 34.75 29.49
C SER A 271 8.41 35.94 30.36
N PRO A 272 7.78 37.10 30.13
CA PRO A 272 7.95 38.24 31.06
C PRO A 272 7.01 38.20 32.26
N ASN A 273 6.37 37.06 32.53
CA ASN A 273 5.45 36.88 33.63
C ASN A 273 5.87 35.72 34.52
N LYS A 274 7.19 35.50 34.65
CA LYS A 274 7.69 34.34 35.38
C LYS A 274 7.20 34.30 36.82
N GLU A 275 7.08 35.46 37.46
CA GLU A 275 6.63 35.46 38.85
C GLU A 275 5.11 35.44 38.96
N LEU A 276 4.38 35.87 37.92
CA LEU A 276 2.94 35.67 37.94
C LEU A 276 2.60 34.21 37.68
N ALA A 277 3.41 33.53 36.88
CA ALA A 277 3.22 32.10 36.67
C ALA A 277 3.67 31.32 37.90
N LYS A 278 4.75 31.78 38.55
CA LYS A 278 5.15 31.17 39.82
C LYS A 278 4.05 31.26 40.86
N GLU A 279 3.33 32.37 40.90
CA GLU A 279 2.32 32.52 41.95
C GLU A 279 1.04 31.77 41.59
N PHE A 280 0.68 31.73 40.30
CA PHE A 280 -0.48 30.95 39.89
C PHE A 280 -0.27 29.47 40.16
N LEU A 281 0.94 28.97 39.90
CA LEU A 281 1.22 27.55 40.00
C LEU A 281 1.34 27.11 41.46
N GLU A 282 2.07 27.87 42.27
CA GLU A 282 2.34 27.47 43.65
C GLU A 282 1.13 27.73 44.55
N ASN A 283 0.41 28.82 44.32
CA ASN A 283 -0.60 29.28 45.26
C ASN A 283 -2.04 29.06 44.78
N TYR A 284 -2.27 28.80 43.50
CA TYR A 284 -3.64 28.58 43.05
C TYR A 284 -3.88 27.23 42.38
N LEU A 285 -2.90 26.67 41.69
CA LEU A 285 -3.10 25.35 41.09
C LEU A 285 -2.73 24.23 42.06
N LEU A 286 -1.53 24.29 42.64
CA LEU A 286 -1.08 23.23 43.55
C LEU A 286 -1.61 23.41 44.96
N THR A 287 -2.89 23.76 45.07
CA THR A 287 -3.68 23.69 46.29
C THR A 287 -4.73 22.60 46.16
N ASP A 288 -5.30 22.20 47.29
CA ASP A 288 -6.41 21.24 47.26
C ASP A 288 -7.59 21.78 46.45
N GLU A 289 -7.78 23.10 46.43
CA GLU A 289 -8.91 23.68 45.71
C GLU A 289 -8.67 23.66 44.21
N GLY A 290 -7.47 24.07 43.78
CA GLY A 290 -7.18 24.15 42.36
C GLY A 290 -7.09 22.79 41.70
N LEU A 291 -6.46 21.82 42.37
CA LEU A 291 -6.35 20.48 41.81
C LEU A 291 -7.73 19.83 41.67
N GLU A 292 -8.66 20.16 42.56
CA GLU A 292 -9.99 19.58 42.47
C GLU A 292 -10.81 20.20 41.35
N ALA A 293 -10.54 21.46 41.02
CA ALA A 293 -11.20 22.06 39.88
C ALA A 293 -10.80 21.36 38.59
N VAL A 294 -9.53 20.95 38.50
CA VAL A 294 -9.05 20.27 37.31
C VAL A 294 -9.46 18.80 37.34
N ASN A 295 -9.23 18.14 38.49
CA ASN A 295 -9.54 16.71 38.61
C ASN A 295 -11.02 16.42 38.40
N LYS A 296 -11.90 17.38 38.69
CA LYS A 296 -13.33 17.17 38.49
C LYS A 296 -13.73 17.35 37.03
N ASP A 297 -12.88 18.01 36.23
CA ASP A 297 -13.10 18.07 34.78
C ASP A 297 -12.63 16.76 34.13
N LYS A 298 -11.32 16.54 34.13
CA LYS A 298 -10.73 15.27 33.72
C LYS A 298 -9.81 14.80 34.84
N PRO A 299 -10.02 13.60 35.39
CA PRO A 299 -9.19 13.16 36.52
C PRO A 299 -7.70 13.18 36.18
N LEU A 300 -6.90 13.55 37.18
CA LEU A 300 -5.46 13.73 37.01
C LEU A 300 -4.66 12.46 37.30
N GLY A 301 -5.24 11.49 37.98
CA GLY A 301 -4.47 10.37 38.48
C GLY A 301 -4.06 10.62 39.91
N ALA A 302 -2.86 10.19 40.30
CA ALA A 302 -2.37 10.40 41.66
C ALA A 302 -1.63 11.73 41.70
N VAL A 303 -2.24 12.73 42.34
CA VAL A 303 -1.70 14.08 42.28
C VAL A 303 -0.44 14.17 43.12
N ALA A 304 0.43 15.11 42.74
CA ALA A 304 1.71 15.25 43.42
C ALA A 304 1.60 15.96 44.75
N LEU A 305 0.48 16.64 45.01
CA LEU A 305 0.29 17.35 46.26
C LEU A 305 -0.16 16.37 47.34
N LYS A 306 0.67 16.23 48.39
CA LYS A 306 0.43 15.22 49.41
C LYS A 306 -0.95 15.34 50.04
N SER A 307 -1.38 16.57 50.35
CA SER A 307 -2.63 16.75 51.07
C SER A 307 -3.83 16.27 50.26
N TYR A 308 -3.82 16.50 48.94
CA TYR A 308 -4.97 16.08 48.13
C TYR A 308 -4.88 14.62 47.73
N GLU A 309 -3.66 14.11 47.49
CA GLU A 309 -3.51 12.70 47.15
C GLU A 309 -4.09 11.81 48.22
N GLU A 310 -3.79 12.13 49.49
CA GLU A 310 -4.36 11.43 50.63
C GLU A 310 -5.87 11.27 50.49
N GLU A 311 -6.55 12.35 50.08
CA GLU A 311 -8.00 12.31 49.92
C GLU A 311 -8.41 11.37 48.79
N LEU A 312 -7.73 11.45 47.67
CA LEU A 312 -8.09 10.66 46.52
C LEU A 312 -7.54 9.27 46.48
N ALA A 313 -6.61 8.92 47.34
CA ALA A 313 -6.04 7.59 47.31
C ALA A 313 -6.96 6.44 47.59
N LYS A 314 -8.03 6.71 48.28
CA LYS A 314 -9.00 5.74 48.49
C LYS A 314 -9.70 5.45 47.18
N ASP A 315 -9.46 6.12 46.03
CA ASP A 315 -10.29 5.68 44.92
C ASP A 315 -9.74 4.37 44.36
N PRO A 316 -10.55 3.31 44.24
CA PRO A 316 -9.94 2.09 43.67
C PRO A 316 -9.37 2.30 42.29
N ARG A 317 -9.91 3.25 41.53
CA ARG A 317 -9.34 3.58 40.23
C ARG A 317 -7.94 4.17 40.38
N ILE A 318 -7.73 4.97 41.43
CA ILE A 318 -6.40 5.54 41.66
C ILE A 318 -5.46 4.48 42.23
N ALA A 319 -5.98 3.60 43.07
CA ALA A 319 -5.20 2.48 43.56
C ALA A 319 -4.70 1.62 42.41
N ALA A 320 -5.57 1.36 41.43
CA ALA A 320 -5.17 0.56 40.27
C ALA A 320 -4.16 1.30 39.41
N THR A 321 -4.34 2.62 39.25
CA THR A 321 -3.35 3.42 38.55
C THR A 321 -1.97 3.28 39.20
N MET A 322 -1.93 3.26 40.53
CA MET A 322 -0.64 3.21 41.22
C MET A 322 -0.06 1.82 41.26
N GLU A 323 -0.89 0.78 41.21
CA GLU A 323 -0.38 -0.58 41.06
C GLU A 323 0.30 -0.74 39.71
N ASN A 324 -0.36 -0.27 38.64
CA ASN A 324 0.26 -0.29 37.32
C ASN A 324 1.51 0.58 37.27
N ALA A 325 1.47 1.75 37.92
CA ALA A 325 2.62 2.64 37.92
C ALA A 325 3.83 1.99 38.59
N GLN A 326 3.59 1.20 39.65
CA GLN A 326 4.71 0.59 40.37
C GLN A 326 5.31 -0.57 39.57
N LYS A 327 4.49 -1.25 38.75
CA LYS A 327 5.02 -2.29 37.88
C LYS A 327 5.75 -1.71 36.67
N GLY A 328 5.44 -0.48 36.28
CA GLY A 328 6.12 0.18 35.18
C GLY A 328 7.34 0.96 35.64
N GLU A 329 7.81 1.85 34.76
CA GLU A 329 8.98 2.65 35.05
C GLU A 329 8.70 4.11 34.73
N ILE A 330 9.30 5.00 35.52
CA ILE A 330 9.23 6.42 35.22
C ILE A 330 9.94 6.68 33.90
N MET A 331 9.31 7.50 33.05
CA MET A 331 9.93 7.82 31.79
C MET A 331 11.22 8.60 32.02
N PRO A 332 12.25 8.38 31.21
CA PRO A 332 13.36 9.33 31.18
C PRO A 332 12.86 10.68 30.70
N ASN A 333 13.58 11.73 31.09
CA ASN A 333 13.27 13.06 30.57
C ASN A 333 14.37 13.58 29.66
N ILE A 334 15.31 12.73 29.27
CA ILE A 334 16.48 13.14 28.51
C ILE A 334 16.05 13.65 27.13
N PRO A 335 16.85 14.50 26.47
CA PRO A 335 16.42 15.07 25.19
C PRO A 335 16.14 14.04 24.11
N GLN A 336 16.72 12.84 24.21
CA GLN A 336 16.54 11.81 23.19
C GLN A 336 15.17 11.16 23.21
N MET A 337 14.31 11.50 24.20
CA MET A 337 13.03 10.81 24.33
C MET A 337 12.13 11.01 23.12
N SER A 338 12.10 12.22 22.55
CA SER A 338 11.21 12.46 21.42
C SER A 338 11.64 11.64 20.21
N ALA A 339 12.94 11.58 19.93
CA ALA A 339 13.44 10.72 18.86
C ALA A 339 13.10 9.25 19.13
N PHE A 340 13.22 8.83 20.38
CA PHE A 340 12.83 7.47 20.76
C PHE A 340 11.37 7.21 20.43
N TRP A 341 10.49 8.12 20.83
CA TRP A 341 9.05 7.93 20.61
C TRP A 341 8.70 7.92 19.12
N TYR A 342 9.31 8.82 18.33
CA TYR A 342 9.08 8.79 16.89
C TYR A 342 9.53 7.46 16.29
N ALA A 343 10.67 6.93 16.74
CA ALA A 343 11.16 5.68 16.20
C ALA A 343 10.23 4.52 16.54
N VAL A 344 9.73 4.48 17.77
CA VAL A 344 8.87 3.36 18.18
C VAL A 344 7.46 3.50 17.59
N ARG A 345 6.97 4.72 17.39
CA ARG A 345 5.70 4.91 16.70
C ARG A 345 5.73 4.27 15.32
N THR A 346 6.78 4.55 14.54
CA THR A 346 6.91 3.97 13.20
C THR A 346 6.97 2.44 13.28
N ALA A 347 7.76 1.90 14.21
CA ALA A 347 7.89 0.45 14.31
C ALA A 347 6.55 -0.22 14.60
N VAL A 348 5.79 0.34 15.54
CA VAL A 348 4.52 -0.26 15.94
C VAL A 348 3.52 -0.17 14.80
N ILE A 349 3.45 1.00 14.15
CA ILE A 349 2.47 1.20 13.09
C ILE A 349 2.77 0.32 11.89
N ASN A 350 4.05 0.17 11.54
CA ASN A 350 4.40 -0.62 10.37
C ASN A 350 4.29 -2.11 10.65
N ALA A 351 4.63 -2.55 11.86
CA ALA A 351 4.42 -3.95 12.22
C ALA A 351 2.94 -4.30 12.24
N ALA A 352 2.12 -3.43 12.83
CA ALA A 352 0.68 -3.70 12.94
C ALA A 352 0.03 -3.80 11.57
N SER A 353 0.45 -2.95 10.62
CA SER A 353 -0.14 -2.93 9.28
C SER A 353 0.51 -3.92 8.33
N GLY A 354 1.53 -4.64 8.77
CA GLY A 354 2.22 -5.57 7.89
C GLY A 354 3.11 -4.92 6.85
N ARG A 355 3.45 -3.64 6.99
CA ARG A 355 4.40 -3.02 6.08
C ARG A 355 5.84 -3.40 6.41
N GLN A 356 6.12 -3.81 7.65
CA GLN A 356 7.41 -4.36 8.02
C GLN A 356 7.18 -5.56 8.91
N THR A 357 8.17 -6.45 8.95
CA THR A 357 8.13 -7.49 9.98
C THR A 357 8.46 -6.86 11.33
N VAL A 358 8.08 -7.58 12.39
CA VAL A 358 8.45 -7.14 13.74
C VAL A 358 9.96 -6.95 13.83
N ASP A 359 10.72 -7.90 13.30
CA ASP A 359 12.17 -7.83 13.39
C ASP A 359 12.72 -6.62 12.66
N ALA A 360 12.23 -6.37 11.45
CA ALA A 360 12.74 -5.24 10.67
C ALA A 360 12.28 -3.90 11.25
N ALA A 361 11.03 -3.85 11.73
CA ALA A 361 10.53 -2.60 12.28
C ALA A 361 11.30 -2.19 13.54
N LEU A 362 11.55 -3.14 14.43
CA LEU A 362 12.26 -2.81 15.66
C LEU A 362 13.75 -2.60 15.43
N ALA A 363 14.36 -3.33 14.49
CA ALA A 363 15.76 -3.09 14.15
C ALA A 363 15.95 -1.67 13.64
N ALA A 364 15.01 -1.18 12.83
CA ALA A 364 15.08 0.19 12.33
C ALA A 364 14.87 1.19 13.46
N ALA A 365 13.94 0.90 14.36
CA ALA A 365 13.68 1.79 15.49
C ALA A 365 14.90 1.89 16.40
N GLN A 366 15.57 0.75 16.62
CA GLN A 366 16.78 0.76 17.44
C GLN A 366 17.84 1.68 16.86
N THR A 367 18.00 1.66 15.53
CA THR A 367 19.02 2.47 14.88
C THR A 367 18.72 3.96 14.96
N ASN A 368 17.44 4.34 15.07
CA ASN A 368 17.04 5.74 14.94
C ASN A 368 16.57 6.33 16.27
N ALA A 369 16.75 5.61 17.37
CA ALA A 369 16.10 5.99 18.62
C ALA A 369 16.69 7.23 19.26
N VAL A 370 17.92 7.63 18.89
CA VAL A 370 18.57 8.79 19.48
C VAL A 370 18.68 9.96 18.51
N ASP A 371 18.21 9.80 17.28
CA ASP A 371 18.33 10.83 16.26
C ASP A 371 16.95 11.31 15.87
N LEU A 372 16.70 12.61 16.02
CA LEU A 372 15.43 13.21 15.65
C LEU A 372 15.53 13.74 14.22
N HIS A 373 14.64 13.29 13.35
CA HIS A 373 14.72 13.68 11.95
C HIS A 373 14.26 15.11 11.74
N PHE A 374 14.89 15.77 10.77
CA PHE A 374 14.53 17.14 10.42
C PHE A 374 13.03 17.34 10.27
N ILE A 375 12.37 16.49 9.47
CA ILE A 375 10.96 16.74 9.17
C ILE A 375 10.06 16.45 10.35
N ASP A 376 10.49 15.60 11.29
CA ASP A 376 9.73 15.44 12.52
C ASP A 376 9.89 16.67 13.42
N GLN A 377 11.11 17.20 13.51
CA GLN A 377 11.37 18.36 14.36
C GLN A 377 10.64 19.60 13.86
N HIS A 378 10.56 19.77 12.54
CA HIS A 378 10.09 21.02 11.95
C HIS A 378 8.74 20.86 11.24
N ARG A 379 7.97 19.83 11.61
CA ARG A 379 6.73 19.54 10.91
C ARG A 379 5.80 20.75 10.79
N ALA A 380 5.55 21.42 11.92
CA ALA A 380 4.58 22.52 11.92
C ALA A 380 5.06 23.70 11.08
N ALA A 381 6.34 24.05 11.20
CA ALA A 381 6.87 25.15 10.40
C ALA A 381 6.85 24.81 8.91
N LEU A 382 7.09 23.55 8.57
CA LEU A 382 7.05 23.14 7.16
C LEU A 382 5.63 23.22 6.60
N ILE A 383 4.64 22.79 7.37
CA ILE A 383 3.24 22.93 6.95
C ILE A 383 2.92 24.38 6.65
N ALA A 384 3.41 25.29 7.49
CA ALA A 384 3.05 26.70 7.37
C ALA A 384 3.81 27.41 6.24
N ARG A 385 5.01 26.96 5.89
CA ARG A 385 5.91 27.75 5.06
C ARG A 385 6.32 27.14 3.73
N VAL A 386 6.02 25.85 3.48
CA VAL A 386 6.32 25.28 2.18
C VAL A 386 5.34 25.84 1.17
N THR A 387 5.86 26.25 0.00
CA THR A 387 5.07 27.02 -0.95
C THR A 387 4.77 26.30 -2.26
N ASN A 388 5.61 25.37 -2.70
CA ASN A 388 5.45 24.65 -3.97
C ASN A 388 5.24 23.16 -3.70
N VAL A 389 4.05 22.80 -3.22
CA VAL A 389 3.82 21.42 -2.78
C VAL A 389 3.95 20.43 -3.92
N GLU A 390 3.51 20.80 -5.13
CA GLU A 390 3.51 19.83 -6.23
C GLU A 390 4.91 19.40 -6.61
N TRP A 391 5.91 20.25 -6.41
CA TRP A 391 7.28 19.83 -6.70
C TRP A 391 7.75 18.75 -5.74
N LEU A 392 7.40 18.87 -4.47
CA LEU A 392 7.71 17.81 -3.53
C LEU A 392 6.99 16.53 -3.89
N LEU A 393 5.71 16.65 -4.27
CA LEU A 393 4.92 15.49 -4.64
C LEU A 393 5.55 14.75 -5.82
N ASP A 394 6.03 15.49 -6.83
CA ASP A 394 6.67 14.85 -7.97
C ASP A 394 7.97 14.15 -7.58
N ALA A 395 8.71 14.72 -6.62
CA ALA A 395 9.96 14.10 -6.19
C ALA A 395 9.72 12.82 -5.39
N LEU A 396 8.56 12.70 -4.75
CA LEU A 396 8.26 11.56 -3.89
C LEU A 396 7.46 10.48 -4.60
N TYR A 397 6.81 10.84 -5.71
CA TYR A 397 5.95 9.91 -6.45
C TYR A 397 6.73 8.68 -6.88
N GLY A 398 6.20 7.50 -6.54
CA GLY A 398 6.81 6.25 -6.92
C GLY A 398 7.93 5.77 -6.02
N LYS A 399 8.49 6.65 -5.19
CA LYS A 399 9.43 6.27 -4.15
C LYS A 399 8.75 6.19 -2.79
N VAL A 400 8.04 7.24 -2.43
CA VAL A 400 7.46 7.37 -1.10
C VAL A 400 5.95 7.62 -1.15
N LEU A 401 5.42 8.08 -2.27
CA LEU A 401 4.00 8.38 -2.42
C LEU A 401 3.39 7.48 -3.49
N THR A 402 2.26 6.88 -3.19
CA THR A 402 1.49 6.15 -4.19
C THR A 402 0.55 7.13 -4.88
N ASP A 403 -0.12 6.65 -5.94
CA ASP A 403 -1.07 7.52 -6.62
C ASP A 403 -2.25 7.83 -5.71
N GLU A 404 -2.69 6.86 -4.90
CA GLU A 404 -3.80 7.10 -3.99
C GLU A 404 -3.43 8.16 -2.96
N GLN A 405 -2.20 8.11 -2.45
CA GLN A 405 -1.74 9.15 -1.53
C GLN A 405 -1.55 10.48 -2.25
N TYR A 406 -0.94 10.43 -3.44
CA TYR A 406 -0.73 11.63 -4.23
C TYR A 406 -2.04 12.36 -4.50
N GLN A 407 -3.08 11.61 -4.88
CA GLN A 407 -4.38 12.24 -5.16
C GLN A 407 -5.02 12.80 -3.90
N ALA A 408 -4.85 12.12 -2.76
CA ALA A 408 -5.42 12.63 -1.51
C ALA A 408 -4.81 13.98 -1.14
N VAL A 409 -3.52 14.18 -1.44
CA VAL A 409 -2.88 15.45 -1.12
C VAL A 409 -3.34 16.53 -2.10
N ARG A 410 -3.37 16.21 -3.39
CA ARG A 410 -3.77 17.19 -4.40
C ARG A 410 -5.22 17.63 -4.21
N ALA A 411 -6.06 16.77 -3.65
CA ALA A 411 -7.46 17.11 -3.42
C ALA A 411 -7.65 18.12 -2.30
N GLU A 412 -6.61 18.39 -1.51
CA GLU A 412 -6.72 19.36 -0.43
C GLU A 412 -6.61 20.78 -0.99
N PRO A 413 -7.38 21.74 -0.45
CA PRO A 413 -7.55 23.03 -1.12
C PRO A 413 -6.40 24.03 -0.97
N THR A 414 -5.67 23.99 0.14
CA THR A 414 -4.65 24.99 0.42
C THR A 414 -3.30 24.31 0.62
N ASN A 415 -2.23 25.10 0.49
CA ASN A 415 -0.89 24.59 0.75
C ASN A 415 -0.73 24.04 2.16
N PRO A 416 -1.15 24.74 3.24
CA PRO A 416 -1.03 24.12 4.58
C PRO A 416 -1.82 22.84 4.70
N SER A 417 -3.01 22.78 4.10
CA SER A 417 -3.81 21.57 4.19
C SER A 417 -3.24 20.46 3.31
N LYS A 418 -2.60 20.80 2.19
CA LYS A 418 -1.88 19.80 1.42
C LYS A 418 -0.72 19.23 2.22
N MET A 419 0.06 20.10 2.84
CA MET A 419 1.20 19.65 3.64
C MET A 419 0.75 18.87 4.87
N ARG A 420 -0.34 19.31 5.50
CA ARG A 420 -0.92 18.56 6.61
C ARG A 420 -1.23 17.12 6.19
N LYS A 421 -1.89 16.97 5.05
CA LYS A 421 -2.23 15.63 4.55
C LYS A 421 -0.96 14.84 4.24
N LEU A 422 -0.01 15.46 3.55
CA LEU A 422 1.28 14.82 3.29
C LEU A 422 1.92 14.32 4.58
N PHE A 423 1.99 15.18 5.60
CA PHE A 423 2.62 14.79 6.85
C PHE A 423 1.84 13.71 7.59
N SER A 424 0.54 13.57 7.32
CA SER A 424 -0.24 12.50 7.94
C SER A 424 0.21 11.12 7.49
N PHE A 425 0.97 11.02 6.39
CA PHE A 425 1.50 9.74 5.95
C PHE A 425 2.84 9.39 6.57
N THR A 426 3.57 10.37 7.11
CA THR A 426 4.95 10.18 7.51
C THR A 426 5.19 9.30 8.74
N PRO A 427 4.22 9.08 9.64
CA PRO A 427 4.48 8.12 10.73
C PRO A 427 4.89 6.73 10.23
N ALA A 428 4.51 6.36 9.02
CA ALA A 428 4.89 5.07 8.47
C ALA A 428 6.20 5.11 7.69
N TRP A 429 6.75 6.29 7.43
CA TRP A 429 7.97 6.37 6.64
C TRP A 429 9.17 6.05 7.53
N ASN A 430 10.14 5.34 6.97
CA ASN A 430 11.38 5.10 7.67
C ASN A 430 12.38 6.20 7.34
N TRP A 431 13.60 6.08 7.87
CA TRP A 431 14.54 7.21 7.84
C TRP A 431 14.88 7.64 6.42
N THR A 432 15.14 6.69 5.52
CA THR A 432 15.54 7.06 4.17
C THR A 432 14.40 7.71 3.40
N CYS A 433 13.16 7.30 3.67
CA CYS A 433 12.01 7.97 3.07
C CYS A 433 11.91 9.42 3.55
N LYS A 434 12.09 9.65 4.85
CA LYS A 434 12.08 11.01 5.36
C LYS A 434 13.24 11.83 4.79
N ASP A 435 14.39 11.17 4.52
CA ASP A 435 15.51 11.86 3.90
C ASP A 435 15.15 12.34 2.50
N LEU A 436 14.33 11.59 1.77
CA LEU A 436 13.93 12.01 0.43
C LEU A 436 13.15 13.32 0.46
N LEU A 437 12.24 13.46 1.43
CA LEU A 437 11.48 14.71 1.54
C LEU A 437 12.40 15.87 1.88
N LEU A 438 13.36 15.64 2.79
CA LEU A 438 14.33 16.68 3.13
C LEU A 438 15.13 17.10 1.90
N GLN A 439 15.58 16.13 1.11
CA GLN A 439 16.37 16.45 -0.07
C GLN A 439 15.53 17.21 -1.09
N ALA A 440 14.26 16.85 -1.23
CA ALA A 440 13.37 17.62 -2.10
C ALA A 440 13.21 19.05 -1.59
N LEU A 441 13.02 19.21 -0.28
CA LEU A 441 12.91 20.56 0.26
C LEU A 441 14.20 21.35 0.03
N ARG A 442 15.35 20.69 0.17
CA ARG A 442 16.62 21.37 -0.06
C ARG A 442 16.74 21.86 -1.50
N GLU A 443 16.27 21.07 -2.46
CA GLU A 443 16.42 21.44 -3.86
C GLU A 443 15.48 22.60 -4.25
N SER A 444 14.26 22.62 -3.69
CA SER A 444 13.26 23.60 -4.11
C SER A 444 13.14 24.81 -3.20
N GLN A 445 13.60 24.72 -1.95
CA GLN A 445 13.38 25.78 -0.98
C GLN A 445 14.51 25.78 0.03
N SER A 446 15.75 25.85 -0.47
CA SER A 446 16.92 25.71 0.39
C SER A 446 16.93 26.77 1.49
N TYR A 447 16.46 27.98 1.18
CA TYR A 447 16.44 29.03 2.20
C TYR A 447 15.60 28.62 3.39
N LEU A 448 14.50 27.90 3.16
CA LEU A 448 13.64 27.47 4.25
C LEU A 448 14.32 26.42 5.13
N VAL A 449 14.96 25.43 4.50
CA VAL A 449 15.68 24.42 5.25
C VAL A 449 16.80 25.06 6.06
N GLU A 450 17.57 25.93 5.43
CA GLU A 450 18.70 26.57 6.10
C GLU A 450 18.22 27.49 7.23
N ASP A 451 17.07 28.14 7.03
CA ASP A 451 16.49 28.96 8.11
C ASP A 451 16.12 28.09 9.31
N LEU A 452 15.45 26.96 9.07
CA LEU A 452 15.06 26.09 10.17
C LEU A 452 16.27 25.47 10.85
N GLU A 453 17.26 25.10 10.09
CA GLU A 453 18.46 24.50 10.63
C GLU A 453 19.18 25.46 11.54
N ARG A 454 19.26 26.70 11.06
CA ARG A 454 19.92 27.79 11.77
C ARG A 454 19.28 28.07 13.13
N SER A 455 17.95 28.21 13.15
CA SER A 455 17.31 28.49 14.41
C SER A 455 17.37 27.31 15.38
N ALA A 456 17.44 26.11 14.87
CA ALA A 456 17.58 24.94 15.72
C ALA A 456 18.95 24.93 16.38
N ALA A 457 20.00 25.24 15.61
CA ALA A 457 21.34 25.32 16.18
C ALA A 457 21.46 26.43 17.22
N ALA A 458 20.68 27.51 17.06
CA ALA A 458 20.69 28.61 18.02
C ALA A 458 20.24 28.18 19.41
N LEU A 459 19.67 26.99 19.54
CA LEU A 459 19.30 26.44 20.83
C LEU A 459 20.31 25.41 21.29
N GLU A 460 21.06 24.86 20.31
CA GLU A 460 22.27 24.05 20.47
C GLU A 460 21.95 22.57 20.63
N LYS B 2 -1.84 -37.90 -24.26
CA LYS B 2 -2.82 -38.83 -24.84
C LYS B 2 -4.26 -38.52 -24.45
N ILE B 3 -4.84 -37.50 -25.07
CA ILE B 3 -6.28 -37.28 -24.95
C ILE B 3 -7.01 -38.42 -25.64
N GLU B 4 -8.29 -38.60 -25.28
CA GLU B 4 -9.04 -39.72 -25.81
C GLU B 4 -9.11 -39.64 -27.33
N GLU B 5 -8.83 -40.78 -27.97
CA GLU B 5 -8.68 -40.87 -29.42
C GLU B 5 -10.02 -40.76 -30.14
N GLY B 6 -9.94 -40.36 -31.41
CA GLY B 6 -11.14 -40.22 -32.19
C GLY B 6 -11.92 -38.99 -31.81
N LYS B 7 -11.24 -37.92 -31.44
CA LYS B 7 -11.91 -36.72 -31.00
C LYS B 7 -11.02 -35.51 -31.25
N LEU B 8 -11.63 -34.32 -31.16
CA LEU B 8 -10.91 -33.07 -31.28
C LEU B 8 -11.43 -32.13 -30.20
N VAL B 9 -10.57 -31.70 -29.29
CA VAL B 9 -10.89 -30.61 -28.39
C VAL B 9 -9.89 -29.48 -28.65
N ILE B 10 -10.40 -28.26 -28.72
CA ILE B 10 -9.65 -27.08 -29.11
C ILE B 10 -9.68 -26.07 -27.97
N TRP B 11 -8.56 -25.40 -27.75
CA TRP B 11 -8.51 -24.26 -26.84
C TRP B 11 -8.37 -23.00 -27.68
N ILE B 12 -9.30 -22.06 -27.48
CA ILE B 12 -9.27 -20.73 -28.09
C ILE B 12 -9.64 -19.75 -27.01
N ASN B 13 -9.15 -18.53 -27.11
CA ASN B 13 -9.36 -17.58 -26.03
C ASN B 13 -10.80 -17.12 -25.94
N GLY B 14 -11.21 -16.72 -24.73
CA GLY B 14 -12.58 -16.33 -24.47
C GLY B 14 -13.00 -15.01 -25.07
N ASP B 15 -12.05 -14.12 -25.40
CA ASP B 15 -12.42 -12.89 -26.07
C ASP B 15 -12.60 -13.07 -27.57
N LYS B 16 -12.35 -14.27 -28.09
CA LYS B 16 -12.53 -14.56 -29.50
C LYS B 16 -13.87 -15.24 -29.70
N GLY B 17 -14.17 -15.57 -30.96
CA GLY B 17 -15.44 -16.18 -31.30
C GLY B 17 -15.48 -17.68 -31.13
N TYR B 18 -15.60 -18.16 -29.89
CA TYR B 18 -15.60 -19.61 -29.68
C TYR B 18 -16.90 -20.24 -30.16
N ASN B 19 -17.97 -19.47 -30.28
CA ASN B 19 -19.20 -19.97 -30.88
C ASN B 19 -19.09 -20.05 -32.40
N GLY B 20 -18.27 -19.20 -33.02
CA GLY B 20 -18.06 -19.31 -34.45
C GLY B 20 -17.39 -20.63 -34.84
N LEU B 21 -16.38 -21.04 -34.06
CA LEU B 21 -15.78 -22.35 -34.28
C LEU B 21 -16.79 -23.46 -34.05
N ALA B 22 -17.67 -23.30 -33.05
CA ALA B 22 -18.67 -24.31 -32.76
C ALA B 22 -19.62 -24.50 -33.94
N GLU B 23 -19.94 -23.42 -34.65
CA GLU B 23 -20.79 -23.53 -35.83
C GLU B 23 -20.08 -24.33 -36.92
N VAL B 24 -18.80 -24.05 -37.14
CA VAL B 24 -17.99 -24.82 -38.08
C VAL B 24 -17.76 -26.23 -37.55
N GLY B 25 -17.77 -26.36 -36.25
CA GLY B 25 -17.48 -27.63 -35.60
C GLY B 25 -18.57 -28.66 -35.51
N LYS B 26 -19.81 -28.24 -35.52
CA LYS B 26 -20.93 -29.17 -35.43
C LYS B 26 -21.19 -29.84 -36.78
N LYS B 27 -20.46 -29.46 -37.82
CA LYS B 27 -20.59 -30.09 -39.10
C LYS B 27 -19.41 -30.99 -39.20
N PHE B 28 -18.78 -31.23 -38.09
CA PHE B 28 -17.65 -32.13 -38.16
C PHE B 28 -17.99 -33.43 -37.45
N GLU B 29 -19.26 -33.50 -37.07
CA GLU B 29 -19.87 -34.65 -36.44
C GLU B 29 -20.85 -35.04 -37.53
N LYS B 30 -21.30 -34.02 -38.25
CA LYS B 30 -22.18 -34.22 -39.41
C LYS B 30 -21.47 -34.55 -40.73
N ASP B 31 -20.19 -34.27 -40.92
CA ASP B 31 -19.59 -34.49 -42.23
C ASP B 31 -18.60 -35.63 -42.24
N THR B 32 -17.68 -35.68 -41.28
CA THR B 32 -16.71 -36.76 -41.21
C THR B 32 -17.02 -37.75 -40.09
N GLY B 33 -17.85 -37.28 -39.16
CA GLY B 33 -18.31 -38.05 -38.03
C GLY B 33 -17.58 -37.95 -36.72
N ILE B 34 -16.41 -37.30 -36.68
CA ILE B 34 -15.68 -37.16 -35.42
C ILE B 34 -16.05 -35.87 -34.72
N LYS B 35 -16.26 -35.95 -33.43
CA LYS B 35 -16.66 -34.82 -32.62
C LYS B 35 -15.54 -33.85 -32.22
N VAL B 36 -15.78 -32.55 -32.40
CA VAL B 36 -14.85 -31.51 -32.02
C VAL B 36 -15.54 -30.69 -31.00
N THR B 37 -14.86 -30.42 -29.90
CA THR B 37 -15.44 -29.63 -28.83
C THR B 37 -14.55 -28.43 -28.55
N VAL B 38 -15.14 -27.24 -28.55
CA VAL B 38 -14.38 -26.02 -28.34
C VAL B 38 -14.39 -25.66 -26.86
N GLU B 39 -13.21 -25.34 -26.31
CA GLU B 39 -13.06 -24.97 -24.90
C GLU B 39 -12.28 -23.67 -24.84
N HIS B 40 -12.57 -22.86 -23.83
CA HIS B 40 -11.88 -21.59 -23.62
C HIS B 40 -11.60 -21.38 -22.14
N PRO B 41 -10.70 -22.18 -21.55
CA PRO B 41 -10.40 -22.00 -20.13
C PRO B 41 -9.68 -20.70 -19.88
N ASP B 42 -9.72 -20.26 -18.61
CA ASP B 42 -8.97 -19.08 -18.21
C ASP B 42 -7.48 -19.39 -18.21
N LYS B 43 -6.68 -18.45 -18.72
CA LYS B 43 -5.23 -18.60 -18.79
C LYS B 43 -4.83 -19.87 -19.50
N LEU B 44 -5.57 -20.22 -20.57
CA LEU B 44 -5.27 -21.41 -21.34
C LEU B 44 -3.81 -21.39 -21.82
N GLU B 45 -3.30 -20.21 -22.15
CA GLU B 45 -1.94 -20.10 -22.68
C GLU B 45 -0.89 -20.37 -21.62
N GLU B 46 -1.22 -20.22 -20.35
CA GLU B 46 -0.31 -20.60 -19.27
C GLU B 46 -0.45 -22.06 -18.86
N LYS B 47 -1.66 -22.62 -18.97
CA LYS B 47 -1.88 -23.99 -18.51
C LYS B 47 -1.45 -25.02 -19.53
N PHE B 48 -1.56 -24.70 -20.82
CA PHE B 48 -1.18 -25.63 -21.89
C PHE B 48 0.22 -26.22 -21.74
N PRO B 49 1.28 -25.44 -21.46
CA PRO B 49 2.61 -26.06 -21.33
C PRO B 49 2.72 -27.11 -20.24
N GLN B 50 1.81 -27.15 -19.28
CA GLN B 50 1.95 -28.17 -18.29
C GLN B 50 1.00 -29.28 -18.52
N VAL B 51 -0.17 -28.99 -19.01
CA VAL B 51 -1.17 -30.05 -19.17
C VAL B 51 -0.95 -30.81 -20.49
N ALA B 52 -0.39 -30.16 -21.50
CA ALA B 52 -0.07 -30.87 -22.73
C ALA B 52 1.10 -31.83 -22.50
N ALA B 53 2.11 -31.39 -21.74
CA ALA B 53 3.30 -32.19 -21.50
C ALA B 53 3.00 -33.47 -20.72
N THR B 54 1.77 -33.59 -20.28
CA THR B 54 1.32 -34.76 -19.58
C THR B 54 0.26 -35.37 -20.43
N GLY B 55 -0.68 -36.02 -19.80
CA GLY B 55 -1.70 -36.66 -20.57
C GLY B 55 -2.70 -35.82 -21.33
N ASP B 56 -3.13 -34.71 -20.79
CA ASP B 56 -4.22 -34.05 -21.49
C ASP B 56 -4.02 -32.69 -22.06
N GLY B 57 -5.12 -31.97 -22.16
CA GLY B 57 -4.98 -30.68 -22.75
C GLY B 57 -5.51 -30.94 -24.16
N PRO B 58 -5.59 -29.90 -25.00
CA PRO B 58 -6.30 -30.02 -26.29
C PRO B 58 -5.43 -30.63 -27.38
N ASP B 59 -6.08 -30.94 -28.50
CA ASP B 59 -5.36 -31.25 -29.73
C ASP B 59 -4.88 -29.97 -30.41
N ILE B 60 -5.70 -28.92 -30.38
CA ILE B 60 -5.41 -27.66 -31.04
C ILE B 60 -5.52 -26.55 -29.99
N ILE B 61 -4.51 -25.68 -29.95
CA ILE B 61 -4.52 -24.50 -29.09
C ILE B 61 -4.47 -23.27 -29.96
N PHE B 62 -5.37 -22.32 -29.72
CA PHE B 62 -5.41 -21.06 -30.45
C PHE B 62 -4.84 -19.96 -29.57
N TRP B 63 -3.85 -19.25 -30.10
CA TRP B 63 -3.29 -18.08 -29.45
C TRP B 63 -2.53 -17.27 -30.47
N ALA B 64 -2.10 -16.08 -30.07
CA ALA B 64 -1.21 -15.30 -30.91
C ALA B 64 0.15 -15.99 -31.00
N HIS B 65 0.85 -15.73 -32.10
CA HIS B 65 2.05 -16.49 -32.43
C HIS B 65 3.18 -16.33 -31.43
N ASP B 66 3.13 -15.31 -30.58
CA ASP B 66 4.22 -15.07 -29.65
C ASP B 66 4.46 -16.16 -28.64
N ARG B 67 3.44 -16.87 -28.26
CA ARG B 67 3.59 -17.95 -27.30
C ARG B 67 4.08 -19.25 -27.91
N PHE B 68 4.13 -19.35 -29.25
CA PHE B 68 4.29 -20.66 -29.86
C PHE B 68 5.73 -21.13 -29.94
N GLY B 69 6.69 -20.20 -30.03
CA GLY B 69 8.08 -20.62 -30.02
C GLY B 69 8.48 -21.28 -28.73
N GLY B 70 7.96 -20.80 -27.60
CA GLY B 70 8.21 -21.46 -26.33
C GLY B 70 7.58 -22.83 -26.27
N TYR B 71 6.35 -22.96 -26.76
CA TYR B 71 5.73 -24.27 -26.87
C TYR B 71 6.57 -25.20 -27.74
N ALA B 72 7.12 -24.66 -28.83
CA ALA B 72 7.88 -25.48 -29.78
C ALA B 72 9.19 -25.97 -29.19
N GLN B 73 9.98 -25.07 -28.58
CA GLN B 73 11.24 -25.52 -27.97
C GLN B 73 10.98 -26.50 -26.84
N SER B 74 9.82 -26.43 -26.20
CA SER B 74 9.46 -27.37 -25.15
C SER B 74 8.86 -28.66 -25.71
N GLY B 75 8.94 -28.85 -27.02
CA GLY B 75 8.49 -30.09 -27.63
C GLY B 75 6.99 -30.32 -27.57
N LEU B 76 6.20 -29.26 -27.44
CA LEU B 76 4.76 -29.39 -27.22
C LEU B 76 3.93 -29.26 -28.48
N LEU B 77 4.52 -28.89 -29.61
CA LEU B 77 3.76 -28.67 -30.83
C LEU B 77 4.21 -29.64 -31.91
N ALA B 78 3.24 -30.17 -32.65
CA ALA B 78 3.56 -31.00 -33.80
C ALA B 78 4.04 -30.12 -34.94
N GLU B 79 5.12 -30.56 -35.60
CA GLU B 79 5.50 -29.93 -36.85
C GLU B 79 4.40 -30.11 -37.88
N ILE B 80 4.05 -29.02 -38.55
CA ILE B 80 3.01 -29.05 -39.58
C ILE B 80 3.66 -29.11 -40.94
N THR B 81 3.06 -29.89 -41.85
CA THR B 81 3.60 -30.16 -43.18
C THR B 81 2.55 -29.76 -44.21
N PRO B 82 2.33 -28.45 -44.41
CA PRO B 82 1.39 -28.02 -45.44
C PRO B 82 1.96 -28.23 -46.83
N ALA B 83 1.07 -28.44 -47.79
CA ALA B 83 1.49 -28.51 -49.17
C ALA B 83 2.00 -27.16 -49.64
N ALA B 84 2.73 -27.18 -50.76
CA ALA B 84 3.13 -25.92 -51.39
C ALA B 84 1.91 -25.21 -51.97
N ALA B 85 0.89 -25.96 -52.36
CA ALA B 85 -0.34 -25.34 -52.86
C ALA B 85 -1.14 -24.72 -51.73
N PHE B 86 -1.14 -25.34 -50.55
CA PHE B 86 -1.83 -24.76 -49.41
C PHE B 86 -1.08 -23.55 -48.87
N GLN B 87 0.26 -23.60 -48.86
CA GLN B 87 1.04 -22.46 -48.40
C GLN B 87 0.79 -21.22 -49.24
N ASP B 88 0.48 -21.39 -50.53
CA ASP B 88 0.18 -20.24 -51.37
C ASP B 88 -1.20 -19.67 -51.06
N LYS B 89 -2.07 -20.48 -50.45
CA LYS B 89 -3.38 -20.04 -50.05
C LYS B 89 -3.33 -19.04 -48.90
N LEU B 90 -2.18 -18.89 -48.24
CA LEU B 90 -1.97 -17.93 -47.15
C LEU B 90 -0.79 -17.02 -47.48
N TYR B 91 -0.79 -15.81 -46.88
CA TYR B 91 0.25 -14.83 -47.16
C TYR B 91 1.60 -15.29 -46.60
N PRO B 92 2.70 -15.00 -47.30
CA PRO B 92 4.01 -15.45 -46.80
C PRO B 92 4.41 -14.86 -45.47
N PHE B 93 4.05 -13.60 -45.19
CA PHE B 93 4.50 -12.99 -43.94
C PHE B 93 3.84 -13.62 -42.72
N THR B 94 2.64 -14.19 -42.89
CA THR B 94 2.01 -14.90 -41.79
C THR B 94 2.70 -16.23 -41.52
N TRP B 95 3.15 -16.91 -42.58
CA TRP B 95 3.93 -18.13 -42.41
C TRP B 95 5.23 -17.87 -41.67
N ASP B 96 5.82 -16.68 -41.84
CA ASP B 96 7.06 -16.35 -41.16
C ASP B 96 6.85 -16.27 -39.65
N ALA B 97 5.67 -15.84 -39.21
CA ALA B 97 5.42 -15.68 -37.78
C ALA B 97 5.34 -17.02 -37.06
N VAL B 98 4.97 -18.08 -37.78
CA VAL B 98 4.83 -19.40 -37.18
C VAL B 98 6.02 -20.30 -37.53
N ARG B 99 7.18 -19.71 -37.83
CA ARG B 99 8.39 -20.47 -38.11
C ARG B 99 9.34 -20.39 -36.93
N TYR B 100 9.66 -21.53 -36.33
CA TYR B 100 10.64 -21.63 -35.26
C TYR B 100 11.67 -22.68 -35.65
N ASN B 101 12.96 -22.28 -35.66
CA ASN B 101 14.05 -23.18 -35.98
C ASN B 101 13.86 -23.81 -37.35
N GLY B 102 13.41 -23.01 -38.31
CA GLY B 102 13.26 -23.45 -39.68
C GLY B 102 12.03 -24.28 -40.01
N LYS B 103 11.25 -24.70 -39.05
CA LYS B 103 10.05 -25.47 -39.33
C LYS B 103 8.83 -24.69 -38.89
N LEU B 104 7.74 -24.90 -39.63
CA LEU B 104 6.44 -24.32 -39.33
C LEU B 104 5.78 -25.09 -38.19
N ILE B 105 5.38 -24.37 -37.15
CA ILE B 105 4.90 -24.96 -35.91
C ILE B 105 3.43 -24.70 -35.66
N ALA B 106 2.75 -23.99 -36.56
CA ALA B 106 1.33 -23.70 -36.41
C ALA B 106 0.79 -23.17 -37.72
N TYR B 107 -0.54 -23.11 -37.81
CA TYR B 107 -1.21 -22.54 -38.97
C TYR B 107 -1.61 -21.10 -38.68
N PRO B 108 -1.20 -20.13 -39.49
CA PRO B 108 -1.68 -18.76 -39.30
C PRO B 108 -3.16 -18.63 -39.66
N ILE B 109 -3.88 -17.80 -38.90
CA ILE B 109 -5.29 -17.55 -39.19
C ILE B 109 -5.51 -16.07 -39.52
N ALA B 110 -5.24 -15.17 -38.56
CA ALA B 110 -5.58 -13.78 -38.78
C ALA B 110 -4.59 -12.86 -38.07
N VAL B 111 -4.39 -11.69 -38.66
CA VAL B 111 -3.45 -10.69 -38.16
C VAL B 111 -4.18 -9.65 -37.33
N GLU B 112 -3.68 -9.39 -36.12
CA GLU B 112 -4.30 -8.49 -35.17
C GLU B 112 -3.35 -7.34 -34.85
N ALA B 113 -3.91 -6.14 -34.80
CA ALA B 113 -3.18 -4.97 -34.32
C ALA B 113 -4.16 -4.08 -33.59
N LEU B 114 -3.71 -3.45 -32.51
CA LEU B 114 -4.57 -2.52 -31.80
C LEU B 114 -4.80 -1.28 -32.65
N SER B 115 -6.03 -0.77 -32.60
CA SER B 115 -6.35 0.47 -33.25
C SER B 115 -7.05 1.39 -32.26
N LEU B 116 -7.16 2.65 -32.66
CA LEU B 116 -7.90 3.63 -31.87
C LEU B 116 -9.37 3.57 -32.25
N ILE B 117 -10.22 3.39 -31.25
CA ILE B 117 -11.66 3.27 -31.45
C ILE B 117 -12.30 4.43 -30.71
N TYR B 118 -13.05 5.25 -31.44
CA TYR B 118 -13.59 6.47 -30.89
C TYR B 118 -15.05 6.62 -31.27
N ASN B 119 -15.79 7.33 -30.42
CA ASN B 119 -17.21 7.56 -30.60
C ASN B 119 -17.37 8.89 -31.34
N LYS B 120 -17.85 8.84 -32.60
CA LYS B 120 -17.87 10.06 -33.39
C LYS B 120 -18.98 11.03 -32.98
N ASP B 121 -19.96 10.58 -32.20
CA ASP B 121 -20.93 11.54 -31.68
C ASP B 121 -20.30 12.41 -30.59
N LEU B 122 -19.59 11.80 -29.66
CA LEU B 122 -18.87 12.61 -28.67
C LEU B 122 -17.66 13.28 -29.27
N LEU B 123 -17.00 12.62 -30.22
CA LEU B 123 -15.67 13.05 -30.68
C LEU B 123 -15.64 12.91 -32.19
N PRO B 124 -16.08 13.94 -32.92
CA PRO B 124 -16.09 13.85 -34.39
C PRO B 124 -14.72 13.79 -35.03
N ASN B 125 -13.69 14.42 -34.45
CA ASN B 125 -12.37 14.46 -35.04
C ASN B 125 -11.32 13.99 -34.03
N PRO B 126 -10.89 12.73 -34.11
CA PRO B 126 -10.00 12.20 -33.07
C PRO B 126 -8.63 12.87 -33.12
N PRO B 127 -7.96 12.98 -31.97
CA PRO B 127 -6.63 13.62 -31.96
C PRO B 127 -5.59 12.78 -32.68
N LYS B 128 -4.68 13.48 -33.35
CA LYS B 128 -3.57 12.83 -34.03
C LYS B 128 -2.41 12.53 -33.09
N THR B 129 -2.34 13.18 -31.94
CA THR B 129 -1.25 13.02 -30.99
C THR B 129 -1.77 12.61 -29.63
N TRP B 130 -0.90 11.93 -28.86
CA TRP B 130 -1.21 11.68 -27.46
C TRP B 130 -1.28 12.98 -26.66
N GLU B 131 -0.39 13.93 -26.99
CA GLU B 131 -0.27 15.17 -26.25
C GLU B 131 -1.55 16.01 -26.27
N GLU B 132 -2.46 15.74 -27.21
CA GLU B 132 -3.73 16.46 -27.26
C GLU B 132 -4.75 15.93 -26.25
N ILE B 133 -4.56 14.71 -25.76
CA ILE B 133 -5.57 14.03 -24.95
C ILE B 133 -5.84 14.72 -23.62
N PRO B 134 -4.83 15.19 -22.87
CA PRO B 134 -5.16 15.90 -21.61
C PRO B 134 -6.08 17.09 -21.81
N ALA B 135 -5.80 17.93 -22.80
CA ALA B 135 -6.68 19.05 -23.09
C ALA B 135 -8.05 18.56 -23.56
N LEU B 136 -8.05 17.52 -24.42
CA LEU B 136 -9.30 16.91 -24.84
C LEU B 136 -10.10 16.42 -23.63
N ASP B 137 -9.46 15.65 -22.76
CA ASP B 137 -10.15 15.10 -21.59
C ASP B 137 -10.73 16.21 -20.73
N LYS B 138 -10.05 17.36 -20.67
CA LYS B 138 -10.54 18.47 -19.87
C LYS B 138 -11.92 18.95 -20.28
N GLU B 139 -12.22 18.85 -21.56
CA GLU B 139 -13.53 19.20 -22.01
C GLU B 139 -14.57 18.21 -21.57
N LEU B 140 -14.37 16.93 -21.82
CA LEU B 140 -15.48 16.03 -21.62
C LEU B 140 -15.78 15.79 -20.15
N LYS B 141 -14.87 16.19 -19.26
CA LYS B 141 -15.17 16.18 -17.83
C LYS B 141 -16.24 17.19 -17.47
N ALA B 142 -16.30 18.32 -18.19
CA ALA B 142 -17.39 19.28 -18.00
C ALA B 142 -18.73 18.70 -18.44
N LYS B 143 -18.70 17.76 -19.39
CA LYS B 143 -19.92 17.12 -19.86
C LYS B 143 -20.21 15.81 -19.15
N GLY B 144 -19.42 15.47 -18.12
CA GLY B 144 -19.62 14.23 -17.39
C GLY B 144 -19.05 13.00 -18.05
N LYS B 145 -18.11 13.17 -18.97
CA LYS B 145 -17.53 12.05 -19.70
C LYS B 145 -16.01 12.18 -19.67
N SER B 146 -15.33 11.24 -20.33
CA SER B 146 -13.87 11.26 -20.41
C SER B 146 -13.39 11.03 -21.83
N ALA B 147 -12.11 11.34 -22.07
CA ALA B 147 -11.52 11.22 -23.40
C ALA B 147 -11.19 9.77 -23.76
N LEU B 148 -10.55 9.04 -22.85
CA LEU B 148 -9.92 7.78 -23.22
C LEU B 148 -9.89 6.82 -22.04
N MET B 149 -10.22 5.56 -22.31
CA MET B 149 -10.11 4.48 -21.33
C MET B 149 -9.67 3.20 -22.04
N PHE B 150 -8.68 2.51 -21.47
CA PHE B 150 -8.27 1.22 -22.01
C PHE B 150 -7.61 0.40 -20.91
N ASN B 151 -7.39 -0.88 -21.21
CA ASN B 151 -6.91 -1.84 -20.22
C ASN B 151 -5.47 -1.55 -19.86
N LEU B 152 -5.24 -1.15 -18.61
CA LEU B 152 -3.90 -0.92 -18.09
C LEU B 152 -3.33 -2.12 -17.35
N GLN B 153 -4.08 -3.22 -17.24
CA GLN B 153 -3.59 -4.40 -16.53
C GLN B 153 -2.84 -5.36 -17.44
N GLU B 154 -3.00 -5.27 -18.76
CA GLU B 154 -2.25 -6.09 -19.68
C GLU B 154 -1.28 -5.21 -20.46
N PRO B 155 0.02 -5.49 -20.42
CA PRO B 155 0.99 -4.59 -21.06
C PRO B 155 0.82 -4.46 -22.58
N TYR B 156 0.13 -5.41 -23.22
CA TYR B 156 -0.12 -5.35 -24.65
C TYR B 156 -0.72 -4.01 -25.07
N PHE B 157 -1.58 -3.43 -24.24
CA PHE B 157 -2.32 -2.24 -24.61
C PHE B 157 -1.53 -0.94 -24.45
N THR B 158 -0.53 -0.92 -23.58
CA THR B 158 0.30 0.27 -23.41
C THR B 158 1.61 0.20 -24.20
N TRP B 159 2.02 -0.99 -24.62
CA TRP B 159 3.22 -1.13 -25.44
C TRP B 159 3.29 -0.19 -26.65
N PRO B 160 2.20 0.08 -27.40
CA PRO B 160 2.35 1.00 -28.54
C PRO B 160 2.92 2.34 -28.14
N LEU B 161 2.54 2.84 -26.96
CA LEU B 161 3.06 4.11 -26.48
C LEU B 161 4.49 3.96 -25.97
N ILE B 162 4.81 2.83 -25.36
CA ILE B 162 6.17 2.60 -24.86
C ILE B 162 7.16 2.50 -26.03
N ALA B 163 6.75 1.86 -27.12
CA ALA B 163 7.63 1.67 -28.27
C ALA B 163 7.73 2.90 -29.15
N ALA B 164 6.77 3.82 -29.07
CA ALA B 164 6.70 4.96 -29.97
C ALA B 164 8.02 5.70 -30.08
N ASP B 165 8.54 6.15 -28.94
CA ASP B 165 9.77 6.95 -28.94
C ASP B 165 11.04 6.11 -28.88
N GLY B 166 10.96 4.79 -28.92
CA GLY B 166 12.20 4.03 -28.98
C GLY B 166 12.29 2.76 -28.17
N GLY B 167 11.28 2.45 -27.37
CA GLY B 167 11.25 1.19 -26.67
C GLY B 167 11.16 0.02 -27.63
N TYR B 168 11.80 -1.08 -27.27
CA TYR B 168 11.67 -2.32 -28.02
C TYR B 168 11.89 -3.50 -27.08
N ALA B 169 11.45 -4.67 -27.52
CA ALA B 169 11.61 -5.89 -26.74
C ALA B 169 12.98 -6.57 -26.80
N PHE B 170 13.35 -7.05 -27.98
CA PHE B 170 14.65 -7.67 -28.22
C PHE B 170 15.06 -7.15 -29.58
N LYS B 171 16.32 -6.78 -29.71
CA LYS B 171 16.80 -6.26 -30.96
C LYS B 171 17.12 -7.36 -31.95
N TYR B 172 16.70 -7.14 -33.18
CA TYR B 172 17.01 -8.08 -34.26
C TYR B 172 18.34 -7.67 -34.87
N ALA B 173 19.35 -8.52 -34.71
CA ALA B 173 20.69 -8.24 -35.21
C ALA B 173 21.28 -9.50 -35.80
N ALA B 174 21.77 -9.39 -37.05
CA ALA B 174 22.46 -10.48 -37.74
C ALA B 174 21.57 -11.72 -37.85
N GLY B 175 20.30 -11.50 -38.21
CA GLY B 175 19.44 -12.61 -38.56
C GLY B 175 18.75 -13.29 -37.41
N LYS B 176 18.91 -12.79 -36.19
CA LYS B 176 18.34 -13.48 -35.04
C LYS B 176 18.11 -12.45 -33.93
N TYR B 177 17.11 -12.70 -33.09
CA TYR B 177 16.85 -11.83 -31.94
C TYR B 177 17.94 -12.02 -30.90
N ASP B 178 18.51 -10.90 -30.46
CA ASP B 178 19.56 -10.89 -29.45
C ASP B 178 18.90 -10.72 -28.09
N ILE B 179 18.93 -11.76 -27.27
CA ILE B 179 18.30 -11.69 -25.95
C ILE B 179 19.16 -10.97 -24.93
N LYS B 180 20.42 -10.68 -25.24
CA LYS B 180 21.26 -9.84 -24.40
C LYS B 180 21.10 -8.35 -24.73
N ASP B 181 20.28 -8.00 -25.72
CA ASP B 181 20.04 -6.60 -26.11
C ASP B 181 18.55 -6.32 -25.95
N VAL B 182 18.16 -5.88 -24.75
CA VAL B 182 16.78 -5.61 -24.41
C VAL B 182 16.60 -4.10 -24.38
N GLY B 183 15.45 -3.61 -24.84
CA GLY B 183 15.23 -2.18 -24.98
C GLY B 183 14.07 -1.61 -24.18
N VAL B 184 13.80 -2.15 -22.99
CA VAL B 184 12.64 -1.71 -22.22
C VAL B 184 12.95 -0.61 -21.21
N ASP B 185 14.23 -0.34 -20.93
CA ASP B 185 14.56 0.77 -20.03
C ASP B 185 15.43 1.83 -20.72
N ASN B 186 15.32 1.96 -22.04
CA ASN B 186 16.03 3.02 -22.72
C ASN B 186 15.21 4.31 -22.65
N ALA B 187 15.78 5.40 -23.17
CA ALA B 187 15.17 6.71 -23.02
C ALA B 187 13.78 6.75 -23.65
N GLY B 188 13.60 6.08 -24.78
CA GLY B 188 12.31 6.10 -25.46
C GLY B 188 11.22 5.39 -24.67
N ALA B 189 11.53 4.23 -24.08
CA ALA B 189 10.59 3.55 -23.22
C ALA B 189 10.21 4.40 -22.02
N LYS B 190 11.22 5.02 -21.38
CA LYS B 190 10.96 5.86 -20.22
C LYS B 190 10.04 7.02 -20.57
N ALA B 191 10.24 7.63 -21.74
CA ALA B 191 9.39 8.74 -22.17
C ALA B 191 7.96 8.29 -22.34
N GLY B 192 7.75 7.12 -22.98
CA GLY B 192 6.40 6.64 -23.19
C GLY B 192 5.67 6.34 -21.90
N LEU B 193 6.31 5.58 -21.00
CA LEU B 193 5.66 5.25 -19.73
C LEU B 193 5.47 6.48 -18.86
N THR B 194 6.39 7.45 -18.91
CA THR B 194 6.23 8.67 -18.14
C THR B 194 4.99 9.45 -18.57
N PHE B 195 4.72 9.49 -19.88
CA PHE B 195 3.51 10.17 -20.33
C PHE B 195 2.26 9.49 -19.79
N LEU B 196 2.24 8.15 -19.79
CA LEU B 196 1.10 7.44 -19.23
C LEU B 196 0.93 7.74 -17.74
N VAL B 197 2.03 7.78 -16.99
CA VAL B 197 1.95 8.08 -15.57
C VAL B 197 1.41 9.50 -15.36
N ASP B 198 1.85 10.44 -16.19
CA ASP B 198 1.35 11.81 -16.07
C ASP B 198 -0.14 11.89 -16.33
N LEU B 199 -0.65 11.08 -17.26
CA LEU B 199 -2.09 11.01 -17.48
C LEU B 199 -2.81 10.59 -16.20
N ILE B 200 -2.25 9.62 -15.48
CA ILE B 200 -2.85 9.15 -14.24
C ILE B 200 -2.71 10.21 -13.15
N LYS B 201 -1.53 10.83 -13.03
CA LYS B 201 -1.34 11.88 -12.03
C LYS B 201 -2.34 13.01 -12.20
N ASN B 202 -2.65 13.35 -13.45
CA ASN B 202 -3.53 14.47 -13.76
C ASN B 202 -4.99 14.04 -13.87
N LYS B 203 -5.33 12.82 -13.43
CA LYS B 203 -6.70 12.34 -13.33
C LYS B 203 -7.38 12.19 -14.69
N HIS B 204 -6.61 12.04 -15.76
CA HIS B 204 -7.15 11.73 -17.08
C HIS B 204 -7.27 10.23 -17.30
N MET B 205 -6.82 9.42 -16.34
CA MET B 205 -6.83 7.98 -16.46
C MET B 205 -6.78 7.39 -15.06
N ASN B 206 -7.29 6.17 -14.91
CA ASN B 206 -7.26 5.45 -13.64
C ASN B 206 -6.34 4.24 -13.77
N ALA B 207 -5.43 4.09 -12.82
CA ALA B 207 -4.53 2.94 -12.81
C ALA B 207 -5.30 1.63 -12.70
N ASP B 208 -6.52 1.66 -12.18
CA ASP B 208 -7.32 0.46 -11.95
C ASP B 208 -8.10 0.00 -13.18
N THR B 209 -8.12 0.79 -14.26
CA THR B 209 -8.90 0.43 -15.43
C THR B 209 -8.39 -0.87 -16.04
N ASP B 210 -9.30 -1.81 -16.27
CA ASP B 210 -8.99 -3.07 -16.94
C ASP B 210 -9.85 -3.21 -18.20
N TYR B 211 -9.84 -4.41 -18.77
CA TYR B 211 -10.55 -4.65 -20.03
C TYR B 211 -12.05 -4.43 -19.87
N SER B 212 -12.65 -5.06 -18.87
CA SER B 212 -14.11 -5.04 -18.74
C SER B 212 -14.61 -3.65 -18.39
N ILE B 213 -13.89 -2.94 -17.53
CA ILE B 213 -14.27 -1.57 -17.18
C ILE B 213 -14.18 -0.66 -18.41
N ALA B 214 -13.10 -0.78 -19.17
CA ALA B 214 -12.92 0.07 -20.33
C ALA B 214 -13.92 -0.24 -21.44
N GLU B 215 -14.29 -1.51 -21.61
CA GLU B 215 -15.27 -1.86 -22.64
C GLU B 215 -16.64 -1.30 -22.29
N ALA B 216 -17.07 -1.46 -21.04
CA ALA B 216 -18.36 -0.94 -20.63
C ALA B 216 -18.40 0.58 -20.75
N ALA B 217 -17.29 1.26 -20.43
CA ALA B 217 -17.28 2.71 -20.48
C ALA B 217 -17.47 3.23 -21.89
N PHE B 218 -16.80 2.62 -22.88
CA PHE B 218 -16.96 3.09 -24.24
C PHE B 218 -18.29 2.65 -24.85
N ASN B 219 -18.77 1.45 -24.49
CA ASN B 219 -20.02 0.94 -25.08
C ASN B 219 -21.25 1.62 -24.51
N LYS B 220 -21.16 2.19 -23.32
CA LYS B 220 -22.21 3.02 -22.76
C LYS B 220 -22.02 4.50 -23.12
N GLY B 221 -21.05 4.79 -23.98
CA GLY B 221 -20.76 6.14 -24.44
C GLY B 221 -20.20 7.05 -23.39
N GLU B 222 -19.64 6.51 -22.31
CA GLU B 222 -19.14 7.32 -21.21
C GLU B 222 -17.76 7.91 -21.50
N THR B 223 -17.01 7.32 -22.42
CA THR B 223 -15.70 7.81 -22.80
C THR B 223 -15.63 7.93 -24.31
N ALA B 224 -14.86 8.90 -24.78
CA ALA B 224 -14.85 9.21 -26.20
C ALA B 224 -13.99 8.26 -27.01
N MET B 225 -13.04 7.58 -26.38
CA MET B 225 -12.09 6.72 -27.08
C MET B 225 -11.76 5.51 -26.24
N THR B 226 -11.29 4.47 -26.93
CA THR B 226 -10.68 3.32 -26.28
C THR B 226 -9.59 2.79 -27.21
N ILE B 227 -8.78 1.88 -26.69
CA ILE B 227 -7.76 1.19 -27.46
C ILE B 227 -8.06 -0.29 -27.39
N ASN B 228 -8.29 -0.92 -28.54
CA ASN B 228 -8.72 -2.31 -28.56
C ASN B 228 -8.48 -2.90 -29.94
N GLY B 229 -8.70 -4.22 -30.03
CA GLY B 229 -8.50 -4.95 -31.26
C GLY B 229 -9.80 -5.34 -31.93
N PRO B 230 -9.70 -6.01 -33.09
CA PRO B 230 -10.92 -6.34 -33.85
C PRO B 230 -11.94 -7.16 -33.09
N TRP B 231 -11.49 -8.08 -32.23
CA TRP B 231 -12.41 -8.93 -31.47
C TRP B 231 -13.45 -8.15 -30.69
N ALA B 232 -13.19 -6.88 -30.40
CA ALA B 232 -14.09 -6.06 -29.60
C ALA B 232 -15.21 -5.41 -30.41
N TRP B 233 -15.07 -5.33 -31.74
CA TRP B 233 -16.04 -4.60 -32.55
C TRP B 233 -17.45 -5.18 -32.45
N SER B 234 -17.57 -6.49 -32.25
CA SER B 234 -18.87 -7.15 -32.24
C SER B 234 -19.81 -6.55 -31.20
N ASN B 235 -19.35 -6.48 -29.95
CA ASN B 235 -20.20 -5.99 -28.87
C ASN B 235 -20.52 -4.50 -29.02
N ILE B 236 -19.75 -3.76 -29.82
CA ILE B 236 -20.08 -2.36 -30.06
C ILE B 236 -21.25 -2.25 -31.03
N ASP B 237 -21.43 -3.23 -31.92
CA ASP B 237 -22.61 -3.23 -32.78
C ASP B 237 -23.88 -3.37 -31.97
N THR B 238 -23.88 -4.23 -30.94
CA THR B 238 -25.00 -4.34 -30.02
C THR B 238 -25.16 -3.07 -29.18
N SER B 239 -24.08 -2.29 -29.07
CA SER B 239 -24.00 -1.04 -28.34
C SER B 239 -24.76 0.13 -28.95
N ALA B 240 -25.02 0.11 -30.25
CA ALA B 240 -25.71 1.18 -30.96
C ALA B 240 -24.96 2.51 -30.89
N VAL B 241 -23.69 2.45 -30.53
CA VAL B 241 -22.80 3.59 -30.48
C VAL B 241 -22.13 3.73 -31.84
N ASN B 242 -22.12 4.95 -32.39
CA ASN B 242 -21.48 5.22 -33.67
C ASN B 242 -19.98 5.37 -33.47
N TYR B 243 -19.23 4.34 -33.84
CA TYR B 243 -17.80 4.29 -33.57
C TYR B 243 -17.01 4.24 -34.87
N GLY B 244 -15.83 4.85 -34.85
CA GLY B 244 -14.88 4.74 -35.93
C GLY B 244 -13.60 4.09 -35.46
N VAL B 245 -12.80 3.58 -36.39
CA VAL B 245 -11.54 2.92 -36.08
C VAL B 245 -10.46 3.56 -36.95
N THR B 246 -9.43 4.11 -36.29
CA THR B 246 -8.40 4.88 -37.01
C THR B 246 -7.03 4.55 -36.45
N VAL B 247 -6.03 5.26 -36.99
CA VAL B 247 -4.64 5.11 -36.55
C VAL B 247 -4.50 5.59 -35.11
N LEU B 248 -3.64 4.91 -34.37
CA LEU B 248 -3.35 5.33 -33.00
C LEU B 248 -2.66 6.69 -33.01
N PRO B 249 -2.81 7.47 -31.93
CA PRO B 249 -2.15 8.77 -31.87
C PRO B 249 -0.63 8.67 -31.89
N THR B 250 0.00 9.73 -32.36
CA THR B 250 1.45 9.84 -32.32
C THR B 250 1.94 10.31 -30.95
N PHE B 251 3.21 10.08 -30.67
CA PHE B 251 3.83 10.53 -29.44
C PHE B 251 5.23 11.05 -29.76
N LYS B 252 5.53 12.27 -29.30
CA LYS B 252 6.73 13.01 -29.69
C LYS B 252 6.92 12.94 -31.21
N GLY B 253 5.84 13.14 -31.95
CA GLY B 253 5.89 13.15 -33.40
C GLY B 253 6.08 11.81 -34.06
N GLN B 254 5.96 10.72 -33.32
CA GLN B 254 6.20 9.40 -33.89
C GLN B 254 4.99 8.49 -33.72
N PRO B 255 4.72 7.60 -34.68
CA PRO B 255 3.54 6.74 -34.58
C PRO B 255 3.62 5.79 -33.40
N SER B 256 2.46 5.48 -32.84
CA SER B 256 2.36 4.34 -31.94
C SER B 256 2.75 3.07 -32.70
N LYS B 257 3.49 2.19 -32.02
CA LYS B 257 4.04 0.98 -32.64
C LYS B 257 3.48 -0.23 -31.89
N PRO B 258 2.30 -0.64 -32.20
CA PRO B 258 1.79 -1.80 -31.51
C PRO B 258 2.46 -3.09 -31.93
N PHE B 259 2.50 -4.03 -31.03
CA PHE B 259 3.03 -5.32 -31.34
C PHE B 259 1.90 -5.98 -32.06
N VAL B 260 2.21 -6.56 -33.19
CA VAL B 260 1.23 -7.21 -34.05
C VAL B 260 1.25 -8.70 -33.75
N GLY B 261 0.07 -9.27 -33.51
CA GLY B 261 -0.07 -10.70 -33.24
C GLY B 261 -0.78 -11.38 -34.39
N VAL B 262 -0.38 -12.61 -34.67
CA VAL B 262 -1.02 -13.47 -35.65
C VAL B 262 -1.68 -14.60 -34.89
N LEU B 263 -3.01 -14.57 -34.79
CA LEU B 263 -3.74 -15.67 -34.19
C LEU B 263 -3.44 -16.95 -34.95
N SER B 264 -3.11 -18.01 -34.23
CA SER B 264 -2.55 -19.21 -34.84
C SER B 264 -3.08 -20.47 -34.18
N ALA B 265 -3.07 -21.55 -34.94
CA ALA B 265 -3.56 -22.85 -34.49
C ALA B 265 -2.39 -23.84 -34.52
N GLY B 266 -1.97 -24.29 -33.35
CA GLY B 266 -0.91 -25.27 -33.23
C GLY B 266 -1.47 -26.63 -32.85
N ILE B 267 -0.74 -27.70 -33.17
CA ILE B 267 -1.20 -29.07 -32.94
C ILE B 267 -0.38 -29.66 -31.79
N ASN B 268 -1.09 -30.15 -30.77
CA ASN B 268 -0.44 -30.72 -29.59
C ASN B 268 0.46 -31.88 -29.99
N ALA B 269 1.73 -31.83 -29.56
CA ALA B 269 2.66 -32.91 -29.87
C ALA B 269 2.20 -34.23 -29.29
N ALA B 270 1.47 -34.20 -28.17
CA ALA B 270 0.96 -35.42 -27.55
C ALA B 270 -0.42 -35.79 -28.07
N SER B 271 -0.87 -35.17 -29.15
CA SER B 271 -2.16 -35.52 -29.69
C SER B 271 -2.02 -36.71 -30.63
N PRO B 272 -2.79 -37.78 -30.44
CA PRO B 272 -2.80 -38.88 -31.41
C PRO B 272 -3.76 -38.61 -32.56
N ASN B 273 -4.15 -37.35 -32.72
CA ASN B 273 -5.09 -36.92 -33.74
C ASN B 273 -4.46 -35.89 -34.67
N LYS B 274 -3.14 -36.00 -34.88
CA LYS B 274 -2.42 -34.98 -35.64
C LYS B 274 -2.96 -34.86 -37.06
N GLU B 275 -3.34 -35.96 -37.66
CA GLU B 275 -3.78 -35.89 -39.03
C GLU B 275 -5.24 -35.58 -39.00
N LEU B 276 -5.81 -35.93 -37.89
CA LEU B 276 -7.22 -35.74 -37.69
C LEU B 276 -7.50 -34.27 -37.57
N ALA B 277 -6.76 -33.62 -36.70
CA ALA B 277 -6.88 -32.17 -36.53
C ALA B 277 -6.42 -31.42 -37.77
N LYS B 278 -5.39 -31.95 -38.45
CA LYS B 278 -4.87 -31.28 -39.64
C LYS B 278 -5.94 -31.08 -40.70
N GLU B 279 -6.94 -31.97 -40.74
CA GLU B 279 -8.00 -31.83 -41.74
C GLU B 279 -9.01 -30.75 -41.36
N PHE B 280 -9.34 -30.61 -40.08
CA PHE B 280 -10.24 -29.53 -39.69
C PHE B 280 -9.59 -28.18 -39.97
N LEU B 281 -8.29 -28.08 -39.75
CA LEU B 281 -7.60 -26.79 -39.87
C LEU B 281 -7.42 -26.39 -41.33
N GLU B 282 -6.94 -27.32 -42.16
CA GLU B 282 -6.63 -26.98 -43.55
C GLU B 282 -7.87 -26.93 -44.43
N ASN B 283 -8.82 -27.84 -44.19
CA ASN B 283 -9.90 -28.05 -45.15
C ASN B 283 -11.25 -27.50 -44.70
N TYR B 284 -11.45 -27.25 -43.42
CA TYR B 284 -12.73 -26.74 -42.94
C TYR B 284 -12.63 -25.42 -42.18
N LEU B 285 -11.50 -25.13 -41.53
CA LEU B 285 -11.40 -23.85 -40.87
C LEU B 285 -10.92 -22.75 -41.81
N LEU B 286 -9.81 -22.96 -42.50
CA LEU B 286 -9.25 -21.90 -43.34
C LEU B 286 -9.88 -21.89 -44.72
N THR B 287 -11.21 -22.02 -44.79
CA THR B 287 -11.99 -21.75 -45.97
C THR B 287 -12.77 -20.46 -45.77
N ASP B 288 -13.26 -19.90 -46.88
CA ASP B 288 -14.11 -18.71 -46.77
C ASP B 288 -15.35 -18.98 -45.93
N GLU B 289 -15.82 -20.22 -45.90
CA GLU B 289 -17.01 -20.55 -45.11
C GLU B 289 -16.69 -20.58 -43.62
N GLY B 290 -15.59 -21.24 -43.24
CA GLY B 290 -15.25 -21.33 -41.84
C GLY B 290 -14.76 -20.02 -41.26
N LEU B 291 -13.92 -19.30 -42.01
CA LEU B 291 -13.39 -18.03 -41.53
C LEU B 291 -14.48 -16.98 -41.41
N GLU B 292 -15.45 -16.98 -42.31
CA GLU B 292 -16.52 -16.00 -42.24
C GLU B 292 -17.59 -16.39 -41.22
N ALA B 293 -17.71 -17.69 -40.91
CA ALA B 293 -18.53 -18.10 -39.78
C ALA B 293 -17.92 -17.61 -38.46
N VAL B 294 -16.60 -17.59 -38.37
CA VAL B 294 -15.94 -17.11 -37.16
C VAL B 294 -15.85 -15.59 -37.15
N ASN B 295 -15.42 -15.00 -38.26
CA ASN B 295 -15.26 -13.55 -38.29
C ASN B 295 -16.57 -12.82 -38.01
N LYS B 296 -17.72 -13.44 -38.28
CA LYS B 296 -18.97 -12.78 -37.96
C LYS B 296 -19.37 -12.96 -36.49
N ASP B 297 -18.77 -13.91 -35.79
CA ASP B 297 -19.01 -13.97 -34.34
C ASP B 297 -18.24 -12.84 -33.65
N LYS B 298 -16.91 -12.94 -33.63
CA LYS B 298 -16.05 -11.85 -33.16
C LYS B 298 -15.06 -11.61 -34.29
N PRO B 299 -15.00 -10.40 -34.85
CA PRO B 299 -14.14 -10.17 -36.02
C PRO B 299 -12.70 -10.56 -35.76
N LEU B 300 -12.07 -11.09 -36.81
CA LEU B 300 -10.71 -11.62 -36.68
C LEU B 300 -9.65 -10.59 -37.05
N GLY B 301 -10.02 -9.53 -37.77
CA GLY B 301 -9.05 -8.61 -38.32
C GLY B 301 -8.70 -8.97 -39.74
N ALA B 302 -7.44 -8.78 -40.12
CA ALA B 302 -6.98 -9.09 -41.47
C ALA B 302 -6.53 -10.55 -41.50
N VAL B 303 -7.34 -11.39 -42.11
CA VAL B 303 -7.15 -12.84 -42.07
C VAL B 303 -6.03 -13.25 -43.02
N ALA B 304 -5.37 -14.36 -42.71
CA ALA B 304 -4.21 -14.83 -43.47
C ALA B 304 -4.59 -15.53 -44.77
N LEU B 305 -5.86 -15.89 -44.96
CA LEU B 305 -6.28 -16.56 -46.18
C LEU B 305 -6.49 -15.52 -47.27
N LYS B 306 -5.68 -15.61 -48.33
CA LYS B 306 -5.70 -14.59 -49.39
C LYS B 306 -7.09 -14.41 -49.98
N SER B 307 -7.80 -15.52 -50.21
CA SER B 307 -9.10 -15.44 -50.86
C SER B 307 -10.08 -14.62 -50.03
N TYR B 308 -10.00 -14.74 -48.71
CA TYR B 308 -10.93 -14.03 -47.83
C TYR B 308 -10.51 -12.60 -47.50
N GLU B 309 -9.20 -12.34 -47.35
CA GLU B 309 -8.78 -10.97 -47.05
C GLU B 309 -9.27 -10.00 -48.13
N GLU B 310 -9.19 -10.41 -49.40
CA GLU B 310 -9.76 -9.58 -50.46
C GLU B 310 -11.13 -9.07 -50.06
N GLU B 311 -11.99 -9.95 -49.59
CA GLU B 311 -13.39 -9.63 -49.34
C GLU B 311 -13.53 -8.61 -48.21
N LEU B 312 -12.81 -8.80 -47.11
CA LEU B 312 -12.90 -7.91 -45.95
C LEU B 312 -11.93 -6.74 -46.00
N ALA B 313 -11.04 -6.75 -46.95
CA ALA B 313 -10.06 -5.69 -47.06
C ALA B 313 -10.67 -4.39 -47.42
N LYS B 314 -11.95 -4.39 -47.78
CA LYS B 314 -12.59 -3.15 -48.18
C LYS B 314 -12.87 -2.29 -46.96
N ASP B 315 -13.45 -2.92 -45.96
CA ASP B 315 -13.81 -2.28 -44.70
C ASP B 315 -12.73 -1.38 -44.09
N PRO B 316 -13.06 -0.11 -43.83
CA PRO B 316 -12.09 0.81 -43.22
C PRO B 316 -11.60 0.37 -41.85
N ARG B 317 -12.41 -0.37 -41.10
CA ARG B 317 -11.97 -0.86 -39.79
C ARG B 317 -10.80 -1.81 -39.95
N ILE B 318 -10.81 -2.64 -40.99
CA ILE B 318 -9.68 -3.51 -41.26
C ILE B 318 -8.55 -2.70 -41.91
N ALA B 319 -8.88 -1.72 -42.75
CA ALA B 319 -7.86 -0.85 -43.30
C ALA B 319 -7.08 -0.15 -42.20
N ALA B 320 -7.77 0.36 -41.17
CA ALA B 320 -7.09 1.03 -40.07
C ALA B 320 -6.31 0.04 -39.22
N THR B 321 -6.87 -1.15 -38.98
CA THR B 321 -6.13 -2.20 -38.28
C THR B 321 -4.81 -2.50 -38.99
N MET B 322 -4.85 -2.49 -40.33
CA MET B 322 -3.65 -2.78 -41.11
C MET B 322 -2.76 -1.56 -41.22
N GLU B 323 -3.34 -0.36 -41.13
CA GLU B 323 -2.54 0.86 -41.05
C GLU B 323 -1.72 0.87 -39.76
N ASN B 324 -2.30 0.43 -38.68
CA ASN B 324 -1.57 0.34 -37.43
C ASN B 324 -0.56 -0.80 -37.42
N ALA B 325 -0.95 -1.98 -37.90
CA ALA B 325 -0.12 -3.19 -37.88
C ALA B 325 1.26 -3.03 -38.45
N GLN B 326 1.27 -2.07 -39.26
CA GLN B 326 2.34 -1.63 -40.12
C GLN B 326 3.22 -0.57 -39.57
N LYS B 327 2.63 0.28 -38.77
CA LYS B 327 3.43 1.24 -38.10
C LYS B 327 4.08 0.44 -36.98
N GLY B 328 3.43 -0.65 -36.55
CA GLY B 328 3.99 -1.47 -35.49
C GLY B 328 4.91 -2.55 -36.01
N GLU B 329 5.17 -3.53 -35.14
CA GLU B 329 6.06 -4.65 -35.45
C GLU B 329 5.39 -5.98 -35.11
N ILE B 330 5.68 -6.99 -35.93
CA ILE B 330 5.26 -8.35 -35.60
C ILE B 330 6.04 -8.82 -34.38
N MET B 331 5.35 -9.46 -33.46
CA MET B 331 5.99 -9.93 -32.24
C MET B 331 7.05 -10.99 -32.55
N PRO B 332 8.16 -11.01 -31.84
CA PRO B 332 9.01 -12.20 -31.84
C PRO B 332 8.22 -13.37 -31.28
N ASN B 333 8.61 -14.58 -31.67
CA ASN B 333 8.01 -15.78 -31.10
C ASN B 333 9.00 -16.56 -30.24
N ILE B 334 10.15 -15.97 -29.92
CA ILE B 334 11.21 -16.68 -29.22
C ILE B 334 10.70 -17.06 -27.83
N PRO B 335 11.26 -18.09 -27.19
CA PRO B 335 10.72 -18.54 -25.89
C PRO B 335 10.71 -17.46 -24.82
N GLN B 336 11.59 -16.45 -24.94
CA GLN B 336 11.72 -15.41 -23.92
C GLN B 336 10.55 -14.44 -23.90
N MET B 337 9.62 -14.53 -24.86
CA MET B 337 8.55 -13.54 -24.94
C MET B 337 7.68 -13.53 -23.69
N SER B 338 7.41 -14.69 -23.11
CA SER B 338 6.55 -14.75 -21.93
C SER B 338 7.22 -14.07 -20.74
N ALA B 339 8.51 -14.32 -20.54
CA ALA B 339 9.25 -13.61 -19.49
C ALA B 339 9.26 -12.10 -19.74
N PHE B 340 9.43 -11.70 -21.00
CA PHE B 340 9.37 -10.29 -21.36
C PHE B 340 8.05 -9.67 -20.96
N TRP B 341 6.94 -10.33 -21.31
CA TRP B 341 5.62 -9.78 -21.04
C TRP B 341 5.34 -9.70 -19.54
N TYR B 342 5.73 -10.72 -18.78
CA TYR B 342 5.58 -10.65 -17.32
C TYR B 342 6.35 -9.47 -16.74
N ALA B 343 7.57 -9.24 -17.24
CA ALA B 343 8.39 -8.15 -16.72
C ALA B 343 7.76 -6.80 -17.02
N VAL B 344 7.23 -6.62 -18.23
CA VAL B 344 6.64 -5.34 -18.61
C VAL B 344 5.27 -5.15 -17.95
N ARG B 345 4.51 -6.23 -17.75
CA ARG B 345 3.27 -6.11 -16.98
C ARG B 345 3.54 -5.50 -15.60
N THR B 346 4.54 -6.04 -14.90
CA THR B 346 4.89 -5.52 -13.58
C THR B 346 5.30 -4.05 -13.66
N ALA B 347 6.15 -3.70 -14.63
CA ALA B 347 6.64 -2.34 -14.75
C ALA B 347 5.48 -1.35 -14.96
N VAL B 348 4.56 -1.69 -15.86
CA VAL B 348 3.45 -0.78 -16.17
C VAL B 348 2.52 -0.66 -14.98
N ILE B 349 2.20 -1.80 -14.34
CA ILE B 349 1.27 -1.77 -13.21
C ILE B 349 1.86 -1.00 -12.03
N ASN B 350 3.16 -1.18 -11.78
CA ASN B 350 3.77 -0.50 -10.64
C ASN B 350 3.98 0.99 -10.92
N ALA B 351 4.31 1.34 -12.16
CA ALA B 351 4.44 2.75 -12.53
C ALA B 351 3.09 3.46 -12.46
N ALA B 352 2.04 2.83 -12.99
CA ALA B 352 0.72 3.45 -13.02
C ALA B 352 0.19 3.70 -11.62
N SER B 353 0.42 2.76 -10.70
CA SER B 353 -0.08 2.86 -9.34
C SER B 353 0.86 3.66 -8.43
N GLY B 354 2.00 4.11 -8.94
CA GLY B 354 2.94 4.84 -8.12
C GLY B 354 3.69 4.00 -7.11
N ARG B 355 3.68 2.67 -7.26
CA ARG B 355 4.45 1.81 -6.36
C ARG B 355 5.94 1.83 -6.69
N GLN B 356 6.30 2.16 -7.92
CA GLN B 356 7.68 2.39 -8.33
C GLN B 356 7.71 3.61 -9.23
N THR B 357 8.88 4.25 -9.31
CA THR B 357 9.05 5.25 -10.35
C THR B 357 9.16 4.59 -11.71
N VAL B 358 8.92 5.38 -12.76
CA VAL B 358 9.08 4.89 -14.13
C VAL B 358 10.48 4.32 -14.32
N ASP B 359 11.49 5.04 -13.84
CA ASP B 359 12.88 4.61 -14.01
C ASP B 359 13.15 3.29 -13.30
N ALA B 360 12.68 3.17 -12.06
CA ALA B 360 12.93 1.95 -11.29
C ALA B 360 12.15 0.77 -11.86
N ALA B 361 10.90 1.02 -12.29
CA ALA B 361 10.08 -0.06 -12.82
C ALA B 361 10.69 -0.64 -14.10
N LEU B 362 11.14 0.22 -15.00
CA LEU B 362 11.70 -0.26 -16.26
C LEU B 362 13.09 -0.84 -16.07
N ALA B 363 13.88 -0.29 -15.14
CA ALA B 363 15.18 -0.88 -14.82
C ALA B 363 15.02 -2.32 -14.33
N ALA B 364 14.00 -2.57 -13.51
CA ALA B 364 13.76 -3.92 -13.04
C ALA B 364 13.29 -4.84 -14.16
N ALA B 365 12.41 -4.34 -15.03
CA ALA B 365 11.92 -5.16 -16.14
C ALA B 365 13.06 -5.53 -17.08
N GLN B 366 13.98 -4.59 -17.33
CA GLN B 366 15.14 -4.85 -18.17
C GLN B 366 15.97 -5.99 -17.59
N THR B 367 16.14 -6.02 -16.26
CA THR B 367 16.95 -7.05 -15.62
C THR B 367 16.30 -8.42 -15.70
N ASN B 368 14.96 -8.48 -15.78
CA ASN B 368 14.20 -9.72 -15.66
C ASN B 368 13.53 -10.16 -16.96
N ALA B 369 13.80 -9.49 -18.09
CA ALA B 369 12.99 -9.69 -19.28
C ALA B 369 13.18 -11.05 -19.93
N VAL B 370 14.27 -11.75 -19.63
CA VAL B 370 14.56 -13.03 -20.27
C VAL B 370 14.36 -14.22 -19.35
N ASP B 371 13.98 -14.00 -18.10
CA ASP B 371 13.85 -15.07 -17.11
C ASP B 371 12.41 -15.16 -16.64
N LEU B 372 11.81 -16.34 -16.79
CA LEU B 372 10.46 -16.58 -16.29
C LEU B 372 10.57 -17.15 -14.88
N HIS B 373 9.90 -16.51 -13.93
CA HIS B 373 10.03 -16.92 -12.54
C HIS B 373 9.24 -18.21 -12.29
N PHE B 374 9.78 -19.02 -11.38
CA PHE B 374 9.14 -20.28 -11.00
C PHE B 374 7.64 -20.10 -10.77
N ILE B 375 7.26 -19.13 -9.93
CA ILE B 375 5.86 -19.03 -9.54
C ILE B 375 4.97 -18.51 -10.68
N ASP B 376 5.55 -17.79 -11.64
CA ASP B 376 4.80 -17.44 -12.84
C ASP B 376 4.62 -18.67 -13.73
N GLN B 377 5.66 -19.49 -13.85
CA GLN B 377 5.62 -20.67 -14.71
C GLN B 377 4.60 -21.69 -14.21
N HIS B 378 4.50 -21.87 -12.89
CA HIS B 378 3.73 -22.95 -12.29
C HIS B 378 2.51 -22.45 -11.53
N ARG B 379 2.02 -21.24 -11.85
CA ARG B 379 0.92 -20.64 -11.11
C ARG B 379 -0.26 -21.59 -10.97
N ALA B 380 -0.70 -22.18 -12.08
CA ALA B 380 -1.89 -23.03 -12.05
C ALA B 380 -1.69 -24.27 -11.19
N ALA B 381 -0.52 -24.90 -11.31
CA ALA B 381 -0.23 -26.08 -10.50
C ALA B 381 -0.16 -25.72 -9.02
N LEU B 382 0.36 -24.53 -8.70
CA LEU B 382 0.47 -24.13 -7.30
C LEU B 382 -0.91 -23.86 -6.69
N ILE B 383 -1.80 -23.21 -7.43
CA ILE B 383 -3.17 -23.02 -6.96
C ILE B 383 -3.81 -24.36 -6.63
N ALA B 384 -3.56 -25.37 -7.47
CA ALA B 384 -4.23 -26.66 -7.31
C ALA B 384 -3.63 -27.52 -6.20
N ARG B 385 -2.34 -27.37 -5.90
CA ARG B 385 -1.64 -28.36 -5.09
C ARG B 385 -1.03 -27.84 -3.79
N VAL B 386 -1.01 -26.54 -3.54
CA VAL B 386 -0.47 -26.03 -2.28
C VAL B 386 -1.45 -26.34 -1.16
N THR B 387 -0.94 -26.87 -0.05
CA THR B 387 -1.78 -27.40 1.02
C THR B 387 -1.71 -26.60 2.33
N ASN B 388 -0.60 -25.94 2.61
CA ASN B 388 -0.39 -25.27 3.89
C ASN B 388 -0.30 -23.76 3.65
N VAL B 389 -1.43 -23.15 3.27
CA VAL B 389 -1.42 -21.76 2.83
C VAL B 389 -1.03 -20.82 3.96
N GLU B 390 -1.44 -21.14 5.20
CA GLU B 390 -1.15 -20.25 6.31
C GLU B 390 0.34 -20.13 6.56
N TRP B 391 1.08 -21.20 6.30
CA TRP B 391 2.52 -21.15 6.50
C TRP B 391 3.18 -20.21 5.50
N LEU B 392 2.70 -20.21 4.24
CA LEU B 392 3.21 -19.25 3.26
C LEU B 392 2.87 -17.83 3.67
N LEU B 393 1.63 -17.60 4.11
CA LEU B 393 1.19 -16.26 4.49
C LEU B 393 2.05 -15.72 5.63
N ASP B 394 2.37 -16.57 6.61
CA ASP B 394 3.20 -16.13 7.72
C ASP B 394 4.62 -15.80 7.26
N ALA B 395 5.12 -16.52 6.25
CA ALA B 395 6.45 -16.23 5.73
C ALA B 395 6.49 -14.91 4.94
N LEU B 396 5.37 -14.50 4.35
CA LEU B 396 5.32 -13.31 3.51
C LEU B 396 4.85 -12.07 4.26
N TYR B 397 4.16 -12.23 5.38
CA TYR B 397 3.61 -11.11 6.12
C TYR B 397 4.70 -10.14 6.54
N GLY B 398 4.53 -8.86 6.19
CA GLY B 398 5.48 -7.82 6.54
C GLY B 398 6.64 -7.66 5.58
N LYS B 399 6.89 -8.65 4.72
CA LYS B 399 7.84 -8.52 3.63
C LYS B 399 7.13 -8.23 2.31
N VAL B 400 6.14 -9.06 1.99
CA VAL B 400 5.46 -8.98 0.70
C VAL B 400 3.95 -8.84 0.82
N LEU B 401 3.36 -9.18 1.96
CA LEU B 401 1.91 -9.09 2.18
C LEU B 401 1.64 -8.10 3.31
N THR B 402 0.68 -7.21 3.08
CA THR B 402 0.18 -6.35 4.13
C THR B 402 -0.96 -7.06 4.86
N ASP B 403 -1.49 -6.43 5.89
CA ASP B 403 -2.55 -7.03 6.61
C ASP B 403 -3.80 -7.10 5.81
N GLU B 404 -4.07 -6.06 5.05
CA GLU B 404 -5.27 -6.05 4.21
C GLU B 404 -5.20 -7.15 3.17
N GLN B 405 -4.02 -7.38 2.58
CA GLN B 405 -3.86 -8.48 1.64
C GLN B 405 -3.94 -9.82 2.35
N TYR B 406 -3.28 -9.94 3.50
CA TYR B 406 -3.32 -11.16 4.29
C TYR B 406 -4.75 -11.55 4.64
N GLN B 407 -5.55 -10.57 5.08
CA GLN B 407 -6.93 -10.86 5.45
C GLN B 407 -7.75 -11.25 4.23
N ALA B 408 -7.49 -10.62 3.09
CA ALA B 408 -8.23 -10.96 1.88
C ALA B 408 -8.00 -12.41 1.46
N VAL B 409 -6.78 -12.92 1.68
CA VAL B 409 -6.48 -14.31 1.33
C VAL B 409 -7.12 -15.24 2.34
N ARG B 410 -7.03 -14.93 3.61
CA ARG B 410 -7.56 -15.77 4.66
C ARG B 410 -9.06 -15.86 4.61
N ALA B 411 -9.71 -14.85 4.07
CA ALA B 411 -11.16 -14.84 3.95
C ALA B 411 -11.70 -15.79 2.88
N GLU B 412 -10.83 -16.37 2.03
CA GLU B 412 -11.28 -17.29 1.01
C GLU B 412 -11.51 -18.69 1.60
N PRO B 413 -12.52 -19.41 1.10
CA PRO B 413 -12.98 -20.63 1.79
C PRO B 413 -12.10 -21.85 1.58
N THR B 414 -11.45 -21.97 0.43
CA THR B 414 -10.68 -23.16 0.08
C THR B 414 -9.24 -22.79 -0.20
N ASN B 415 -8.36 -23.80 -0.15
CA ASN B 415 -6.96 -23.59 -0.51
C ASN B 415 -6.80 -23.06 -1.93
N PRO B 416 -7.47 -23.62 -2.96
CA PRO B 416 -7.31 -23.02 -4.30
C PRO B 416 -7.80 -21.59 -4.40
N SER B 417 -8.90 -21.25 -3.71
CA SER B 417 -9.37 -19.86 -3.76
C SER B 417 -8.49 -18.94 -2.94
N LYS B 418 -7.89 -19.45 -1.86
CA LYS B 418 -6.87 -18.69 -1.15
C LYS B 418 -5.66 -18.44 -2.03
N MET B 419 -5.18 -19.50 -2.69
CA MET B 419 -4.03 -19.36 -3.57
C MET B 419 -4.35 -18.49 -4.78
N ARG B 420 -5.57 -18.63 -5.32
CA ARG B 420 -6.01 -17.75 -6.40
C ARG B 420 -5.90 -16.30 -5.97
N LYS B 421 -6.40 -15.97 -4.79
CA LYS B 421 -6.33 -14.60 -4.29
C LYS B 421 -4.89 -14.15 -4.07
N LEU B 422 -4.08 -14.99 -3.44
CA LEU B 422 -2.66 -14.68 -3.27
C LEU B 422 -1.99 -14.34 -4.59
N PHE B 423 -2.19 -15.19 -5.60
CA PHE B 423 -1.55 -14.96 -6.89
C PHE B 423 -2.08 -13.72 -7.59
N SER B 424 -3.29 -13.27 -7.25
CA SER B 424 -3.81 -12.04 -7.82
C SER B 424 -3.00 -10.81 -7.39
N PHE B 425 -2.19 -10.94 -6.33
CA PHE B 425 -1.32 -9.85 -5.90
C PHE B 425 0.03 -9.85 -6.59
N THR B 426 0.44 -10.97 -7.20
CA THR B 426 1.81 -11.14 -7.68
C THR B 426 2.20 -10.31 -8.91
N PRO B 427 1.27 -9.85 -9.77
CA PRO B 427 1.70 -8.96 -10.87
C PRO B 427 2.47 -7.73 -10.42
N ALA B 428 2.27 -7.27 -9.19
CA ALA B 428 2.99 -6.11 -8.67
C ALA B 428 4.30 -6.47 -7.98
N TRP B 429 4.57 -7.76 -7.73
CA TRP B 429 5.76 -8.14 -7.02
C TRP B 429 6.96 -8.15 -7.95
N ASN B 430 8.11 -7.73 -7.43
CA ASN B 430 9.34 -7.84 -8.20
C ASN B 430 10.00 -9.19 -7.93
N TRP B 431 11.18 -9.39 -8.54
CA TRP B 431 11.79 -10.72 -8.57
C TRP B 431 12.10 -11.23 -7.16
N THR B 432 12.67 -10.38 -6.31
CA THR B 432 13.07 -10.83 -4.98
C THR B 432 11.86 -11.14 -4.10
N CYS B 433 10.74 -10.44 -4.29
CA CYS B 433 9.50 -10.80 -3.61
C CYS B 433 9.04 -12.18 -4.04
N LYS B 434 9.07 -12.44 -5.35
CA LYS B 434 8.68 -13.74 -5.87
C LYS B 434 9.61 -14.84 -5.36
N ASP B 435 10.89 -14.52 -5.15
CA ASP B 435 11.82 -15.49 -4.58
C ASP B 435 11.41 -15.87 -3.16
N LEU B 436 10.86 -14.92 -2.40
CA LEU B 436 10.45 -15.21 -1.03
C LEU B 436 9.34 -16.25 -0.98
N LEU B 437 8.36 -16.15 -1.88
CA LEU B 437 7.31 -17.16 -1.93
C LEU B 437 7.88 -18.51 -2.34
N LEU B 438 8.81 -18.51 -3.29
CA LEU B 438 9.44 -19.76 -3.71
C LEU B 438 10.11 -20.44 -2.54
N GLN B 439 10.86 -19.69 -1.77
CA GLN B 439 11.59 -20.18 -0.61
C GLN B 439 10.65 -20.78 0.44
N ALA B 440 9.54 -20.15 0.63
CA ALA B 440 8.51 -20.57 1.57
C ALA B 440 7.88 -21.88 1.12
N LEU B 441 7.64 -22.02 -0.16
CA LEU B 441 7.10 -23.24 -0.69
C LEU B 441 8.12 -24.32 -0.51
N ARG B 442 9.37 -23.98 -0.70
CA ARG B 442 10.46 -24.92 -0.55
C ARG B 442 10.55 -25.48 0.85
N GLU B 443 10.35 -24.64 1.86
CA GLU B 443 10.44 -25.07 3.25
C GLU B 443 9.21 -25.89 3.67
N SER B 444 8.03 -25.54 3.17
CA SER B 444 6.80 -26.17 3.62
C SER B 444 6.31 -27.29 2.71
N GLN B 445 6.79 -27.35 1.47
CA GLN B 445 6.28 -28.32 0.50
C GLN B 445 7.38 -28.65 -0.52
N SER B 446 8.55 -29.07 -0.01
CA SER B 446 9.70 -29.28 -0.88
C SER B 446 9.40 -30.31 -1.98
N TYR B 447 8.61 -31.35 -1.65
CA TYR B 447 8.28 -32.35 -2.65
C TYR B 447 7.56 -31.73 -3.83
N LEU B 448 6.69 -30.75 -3.58
CA LEU B 448 5.94 -30.12 -4.66
C LEU B 448 6.86 -29.28 -5.55
N VAL B 449 7.76 -28.50 -4.95
CA VAL B 449 8.70 -27.70 -5.72
C VAL B 449 9.57 -28.61 -6.58
N GLU B 450 10.12 -29.67 -5.98
CA GLU B 450 11.01 -30.57 -6.70
C GLU B 450 10.27 -31.31 -7.80
N ASP B 451 9.00 -31.65 -7.57
CA ASP B 451 8.18 -32.26 -8.62
C ASP B 451 8.01 -31.32 -9.80
N LEU B 452 7.66 -30.07 -9.53
CA LEU B 452 7.46 -29.10 -10.60
C LEU B 452 8.78 -28.78 -11.31
N GLU B 453 9.88 -28.69 -10.56
CA GLU B 453 11.18 -28.45 -11.18
C GLU B 453 11.57 -29.60 -12.09
N ARG B 454 11.30 -30.84 -11.66
CA ARG B 454 11.72 -32.01 -12.42
C ARG B 454 10.95 -32.09 -13.74
N SER B 455 9.63 -31.88 -13.70
CA SER B 455 8.83 -31.92 -14.92
C SER B 455 9.16 -30.74 -15.85
N ALA B 456 9.59 -29.61 -15.29
CA ALA B 456 10.03 -28.49 -16.12
C ALA B 456 11.39 -28.79 -16.76
N ALA B 457 12.31 -29.37 -16.00
CA ALA B 457 13.62 -29.70 -16.54
C ALA B 457 13.50 -30.70 -17.70
N ALA B 458 12.45 -31.51 -17.70
CA ALA B 458 12.22 -32.45 -18.79
C ALA B 458 11.99 -31.77 -20.14
N LEU B 459 11.78 -30.46 -20.16
CA LEU B 459 11.68 -29.73 -21.42
C LEU B 459 12.88 -28.80 -21.62
C1 GLC C . -1.52 11.15 27.43
C2 GLC C . -0.33 11.27 28.36
C3 GLC C . 0.97 11.42 27.65
C4 GLC C . 1.10 10.50 26.47
C5 GLC C . -0.13 10.66 25.60
C6 GLC C . -0.02 9.70 24.45
O1 GLC C . -1.87 12.38 26.91
O2 GLC C . -0.47 12.37 29.22
O3 GLC C . 1.97 11.14 28.55
O4 GLC C . 2.24 10.85 25.75
O5 GLC C . -1.27 10.34 26.34
O6 GLC C . -1.01 9.91 23.47
C1 GLC C . 3.35 10.07 25.96
C2 GLC C . 4.57 10.97 26.14
C3 GLC C . 4.75 11.79 24.91
C4 GLC C . 4.88 10.88 23.70
C5 GLC C . 3.75 9.86 23.65
C6 GLC C . 3.98 8.80 22.59
O2 GLC C . 4.38 11.83 27.22
O3 GLC C . 5.86 12.58 25.06
O4 GLC C . 4.84 11.66 22.56
O5 GLC C . 3.55 9.23 24.87
O6 GLC C . 2.86 8.02 22.35
C1 GLC C . 6.03 11.73 21.84
C2 GLC C . 6.33 13.17 21.45
C3 GLC C . 5.26 13.66 20.53
C4 GLC C . 5.29 12.78 19.33
C5 GLC C . 5.01 11.36 19.74
C6 GLC C . 5.06 10.47 18.53
O2 GLC C . 6.41 13.96 22.60
O3 GLC C . 5.52 14.96 20.13
O4 GLC C . 4.28 13.20 18.48
O5 GLC C . 5.98 10.98 20.64
O6 GLC C . 4.46 9.24 18.74
C1 GLC D . 0.49 -13.68 -19.05
C2 GLC D . 1.23 -12.39 -19.35
C3 GLC D . 1.24 -11.96 -20.77
C4 GLC D . 1.05 -12.96 -21.83
C5 GLC D . 0.69 -14.37 -21.37
C6 GLC D . 1.85 -15.11 -21.93
O1 GLC D . -0.88 -13.45 -19.00
O2 GLC D . 0.74 -11.20 -18.72
O3 GLC D . 2.58 -11.69 -20.99
O4 GLC D . 0.08 -12.33 -22.63
O5 GLC D . 0.72 -14.70 -20.01
O6 GLC D . 1.54 -15.10 -23.28
C1 GLC D . 0.75 -11.28 -23.26
C2 GLC D . 0.18 -9.88 -23.53
C3 GLC D . -0.66 -9.74 -24.75
C4 GLC D . -0.98 -10.92 -25.60
C5 GLC D . -0.14 -12.12 -25.22
C6 GLC D . 0.46 -12.92 -26.32
O2 GLC D . -0.21 -8.97 -22.49
O3 GLC D . 0.36 -9.28 -25.53
O4 GLC D . -2.39 -11.05 -25.39
O5 GLC D . 1.02 -11.73 -24.50
O6 GLC D . 1.14 -14.01 -25.69
C1 GLC D . -3.04 -9.90 -25.87
C2 GLC D . -4.52 -9.68 -25.76
C3 GLC D . -5.31 -10.63 -26.65
C4 GLC D . -4.73 -10.57 -28.04
C5 GLC D . -3.37 -11.07 -27.80
C6 GLC D . -2.35 -11.30 -28.85
O2 GLC D . -4.85 -9.60 -24.38
O3 GLC D . -6.65 -10.22 -26.73
O4 GLC D . -5.37 -11.48 -28.91
O5 GLC D . -2.81 -9.95 -27.21
O6 GLC D . -1.22 -11.84 -28.13
S SO4 E . -0.91 21.96 12.39
O1 SO4 E . -1.45 20.68 11.94
O2 SO4 E . -1.09 22.97 11.34
O3 SO4 E . 0.51 21.78 12.67
O4 SO4 E . -1.60 22.40 13.58
S SO4 F . -5.54 26.02 6.30
O1 SO4 F . -5.91 24.63 6.04
O2 SO4 F . -4.87 26.58 5.13
O3 SO4 F . -6.75 26.79 6.60
O4 SO4 F . -4.64 26.07 7.45
S SO4 G . -7.24 -20.99 -12.10
O1 SO4 G . -8.03 -21.12 -13.32
O2 SO4 G . -5.90 -21.53 -12.33
O3 SO4 G . -7.15 -19.58 -11.73
O4 SO4 G . -7.89 -21.73 -11.02
#